data_2O9A
#
_entry.id   2O9A
#
_cell.length_a   53.499
_cell.length_b   81.434
_cell.length_c   154.252
_cell.angle_alpha   90.000
_cell.angle_beta   90.000
_cell.angle_gamma   90.000
#
_symmetry.space_group_name_H-M   'P 21 21 21'
#
loop_
_entity.id
_entity.type
_entity.pdbx_description
1 polymer 'Acetate operon repressor'
2 non-polymer 1,2-ETHANEDIOL
3 non-polymer 'PYRUVIC ACID'
4 water water
#
_entity_poly.entity_id   1
_entity_poly.type   'polypeptide(L)'
_entity_poly.pdbx_seq_one_letter_code
;GHMSRNLLAIVHPILRNLMEESGETVNMAVLDQSDHEAIIIDQVQCTHLMRMSAPIGGKLPMHASGAGKAFLAQLSEEQV
TKLLHRKGLHAYTHATLVSPVHLKEDLAQTRKRGYSFDDEEHALGLRCLAACIFDEHREPFAAISISGPISRITDDRVTE
FGAMVIKAAKEVTLAYGGMRGS
;
_entity_poly.pdbx_strand_id   A,B,C,D
#
# COMPACT_ATOMS: atom_id res chain seq x y z
N GLY A 1 -1.60 -3.31 15.06
CA GLY A 1 -1.71 -2.05 14.28
C GLY A 1 -2.29 -2.36 12.92
N HIS A 2 -2.89 -1.35 12.28
CA HIS A 2 -3.63 -1.53 11.04
C HIS A 2 -3.56 -0.26 10.19
N MET A 3 -3.01 -0.35 8.98
CA MET A 3 -3.04 0.84 8.10
C MET A 3 -4.23 0.83 7.18
N SER A 4 -4.89 1.97 7.15
CA SER A 4 -5.98 2.29 6.21
C SER A 4 -5.48 3.42 5.29
N ARG A 5 -6.18 3.65 4.19
CA ARG A 5 -5.88 4.83 3.34
C ARG A 5 -5.94 6.14 4.17
N ASN A 6 -6.94 6.24 5.03
CA ASN A 6 -7.11 7.45 5.82
C ASN A 6 -5.89 7.67 6.71
N LEU A 7 -5.41 6.61 7.35
CA LEU A 7 -4.20 6.73 8.20
C LEU A 7 -2.96 7.09 7.39
N LEU A 8 -2.81 6.42 6.24
CA LEU A 8 -1.77 6.81 5.29
C LEU A 8 -1.84 8.29 4.93
N ALA A 9 -3.05 8.79 4.66
CA ALA A 9 -3.22 10.24 4.38
C ALA A 9 -2.76 11.10 5.53
N ILE A 10 -3.05 10.67 6.74
CA ILE A 10 -2.74 11.43 7.94
C ILE A 10 -1.20 11.52 8.15
N VAL A 11 -0.51 10.40 7.95
CA VAL A 11 0.97 10.40 8.16
C VAL A 11 1.80 10.76 6.94
N HIS A 12 1.16 10.82 5.77
CA HIS A 12 1.87 11.18 4.53
C HIS A 12 2.85 12.32 4.70
N PRO A 13 2.44 13.43 5.37
CA PRO A 13 3.35 14.59 5.55
C PRO A 13 4.66 14.26 6.24
N ILE A 14 4.65 13.33 7.19
CA ILE A 14 5.86 12.87 7.88
C ILE A 14 6.74 12.18 6.83
N LEU A 15 6.13 11.38 5.96
CA LEU A 15 6.92 10.63 4.97
C LEU A 15 7.49 11.64 3.95
N ARG A 16 6.66 12.61 3.55
CA ARG A 16 7.08 13.61 2.55
C ARG A 16 8.17 14.48 3.13
N ASN A 17 8.05 14.84 4.41
CA ASN A 17 9.11 15.63 5.08
C ASN A 17 10.45 14.88 5.12
N LEU A 18 10.41 13.58 5.43
CA LEU A 18 11.58 12.72 5.44
C LEU A 18 12.23 12.58 4.05
N MET A 19 11.42 12.46 3.00
CA MET A 19 11.98 12.35 1.65
C MET A 19 12.73 13.68 1.37
N GLU A 20 12.06 14.81 1.66
CA GLU A 20 12.68 16.13 1.44
C GLU A 20 13.98 16.30 2.25
N GLU A 21 13.97 15.89 3.51
CA GLU A 21 15.14 16.07 4.38
C GLU A 21 16.31 15.15 3.97
N SER A 22 16.00 13.93 3.56
CA SER A 22 17.04 12.93 3.22
C SER A 22 17.41 13.09 1.73
N GLY A 23 16.49 13.57 0.91
CA GLY A 23 16.66 13.65 -0.56
C GLY A 23 16.53 12.29 -1.23
N GLU A 24 15.94 11.32 -0.51
CA GLU A 24 15.85 9.96 -1.06
C GLU A 24 14.42 9.48 -0.88
N THR A 25 14.05 8.47 -1.68
CA THR A 25 12.76 7.78 -1.57
C THR A 25 12.54 7.22 -0.14
N VAL A 26 11.32 7.40 0.34
CA VAL A 26 10.90 6.93 1.67
C VAL A 26 9.80 5.90 1.45
N ASN A 27 9.93 4.77 2.13
CA ASN A 27 8.94 3.69 2.03
C ASN A 27 8.31 3.44 3.38
N MET A 28 7.05 3.01 3.39
CA MET A 28 6.50 2.45 4.61
C MET A 28 6.03 1.06 4.29
N ALA A 29 6.45 0.12 5.13
CA ALA A 29 6.19 -1.28 4.92
C ALA A 29 5.45 -1.85 6.14
N VAL A 30 4.58 -2.82 5.92
CA VAL A 30 4.00 -3.54 7.06
C VAL A 30 4.50 -4.96 7.12
N LEU A 31 4.41 -5.53 8.34
CA LEU A 31 4.88 -6.86 8.58
C LEU A 31 3.70 -7.81 8.34
N ASP A 32 3.87 -8.75 7.42
CA ASP A 32 2.88 -9.83 7.32
C ASP A 32 3.24 -10.87 8.40
N GLN A 33 2.38 -10.97 9.42
CA GLN A 33 2.66 -11.84 10.56
C GLN A 33 2.36 -13.29 10.28
N SER A 34 1.54 -13.57 9.28
CA SER A 34 1.36 -14.95 8.77
C SER A 34 2.59 -15.47 8.05
N ASP A 35 3.09 -14.71 7.07
CA ASP A 35 4.07 -15.21 6.12
C ASP A 35 5.46 -14.66 6.41
N HIS A 36 5.53 -13.82 7.45
CA HIS A 36 6.75 -13.13 7.90
C HIS A 36 7.46 -12.51 6.72
N GLU A 37 6.84 -11.43 6.25
CA GLU A 37 7.37 -10.66 5.12
C GLU A 37 7.19 -9.15 5.35
N ALA A 38 7.98 -8.32 4.66
CA ALA A 38 7.73 -6.85 4.74
C ALA A 38 7.20 -6.31 3.41
N ILE A 39 5.96 -5.82 3.43
CA ILE A 39 5.25 -5.42 2.22
C ILE A 39 5.14 -3.89 2.18
N ILE A 40 5.66 -3.28 1.11
CA ILE A 40 5.60 -1.83 0.98
C ILE A 40 4.14 -1.41 0.76
N ILE A 41 3.62 -0.48 1.56
CA ILE A 41 2.21 -0.08 1.36
C ILE A 41 2.08 1.40 1.07
N ASP A 42 3.18 2.14 1.20
CA ASP A 42 3.19 3.53 0.74
C ASP A 42 4.62 3.96 0.46
N GLN A 43 4.76 5.12 -0.18
CA GLN A 43 6.04 5.55 -0.66
C GLN A 43 5.96 6.97 -1.12
N VAL A 44 6.95 7.76 -0.76
CA VAL A 44 7.13 9.08 -1.35
C VAL A 44 8.52 9.08 -2.05
N GLN A 45 8.54 9.07 -3.37
CA GLN A 45 9.82 9.01 -4.09
C GLN A 45 10.45 10.39 -4.09
N CYS A 46 11.78 10.44 -4.08
CA CYS A 46 12.49 11.70 -4.32
C CYS A 46 12.41 12.05 -5.82
N THR A 47 12.95 13.22 -6.19
CA THR A 47 12.88 13.73 -7.57
C THR A 47 14.19 13.47 -8.33
N HIS A 48 15.18 12.87 -7.69
CA HIS A 48 16.43 12.50 -8.41
C HIS A 48 16.09 11.60 -9.58
N LEU A 49 16.82 11.75 -10.70
CA LEU A 49 16.62 10.88 -11.87
C LEU A 49 16.82 9.40 -11.57
N MET A 50 17.89 9.12 -10.83
N MET A 50 17.84 9.11 -10.77
CA MET A 50 18.23 7.78 -10.35
CA MET A 50 18.16 7.75 -10.40
C MET A 50 17.72 7.73 -8.94
C MET A 50 17.87 7.58 -8.91
N ARG A 51 16.91 6.72 -8.60
CA ARG A 51 16.36 6.70 -7.23
C ARG A 51 15.81 5.33 -6.96
N MET A 52 15.56 5.04 -5.69
CA MET A 52 14.82 3.80 -5.40
C MET A 52 13.32 3.97 -5.76
N SER A 53 12.80 3.03 -6.54
CA SER A 53 11.42 3.03 -7.03
C SER A 53 10.76 1.65 -7.03
N ALA A 54 10.88 0.93 -5.92
CA ALA A 54 10.09 -0.28 -5.69
C ALA A 54 8.60 0.02 -5.88
N PRO A 55 7.82 -0.96 -6.36
CA PRO A 55 6.39 -0.69 -6.48
C PRO A 55 5.67 -0.81 -5.12
N ILE A 56 4.53 -0.12 -4.98
N ILE A 56 4.55 -0.12 -4.96
CA ILE A 56 3.59 -0.43 -3.88
CA ILE A 56 3.71 -0.43 -3.79
C ILE A 56 3.19 -1.90 -4.00
C ILE A 56 3.14 -1.84 -3.96
N GLY A 57 3.16 -2.63 -2.88
CA GLY A 57 2.89 -4.06 -2.88
C GLY A 57 4.15 -4.90 -3.00
N GLY A 58 5.27 -4.23 -3.27
CA GLY A 58 6.60 -4.87 -3.31
C GLY A 58 6.97 -5.49 -1.97
N LYS A 59 7.72 -6.60 -1.97
CA LYS A 59 8.17 -7.20 -0.72
C LYS A 59 9.67 -7.03 -0.54
N LEU A 60 10.06 -6.75 0.69
CA LEU A 60 11.47 -6.60 1.03
C LEU A 60 11.91 -7.76 1.96
N PRO A 61 13.05 -8.40 1.67
CA PRO A 61 13.45 -9.60 2.43
C PRO A 61 13.70 -9.31 3.91
N MET A 62 13.33 -10.26 4.74
CA MET A 62 13.41 -10.06 6.19
C MET A 62 14.84 -9.84 6.65
N HIS A 63 15.79 -10.59 6.08
CA HIS A 63 17.15 -10.65 6.59
C HIS A 63 18.06 -9.68 5.84
N ALA A 64 17.54 -9.10 4.75
CA ALA A 64 18.40 -8.43 3.78
C ALA A 64 17.91 -7.06 3.32
N SER A 65 17.02 -6.43 4.09
CA SER A 65 16.64 -5.06 3.81
C SER A 65 16.61 -4.25 5.11
N GLY A 66 16.53 -2.91 4.99
CA GLY A 66 16.35 -2.03 6.16
C GLY A 66 15.00 -2.37 6.82
N ALA A 67 13.91 -2.40 6.06
CA ALA A 67 12.60 -2.67 6.70
C ALA A 67 12.58 -4.06 7.35
N GLY A 68 13.10 -5.08 6.62
CA GLY A 68 13.09 -6.48 7.15
C GLY A 68 13.85 -6.60 8.48
N LYS A 69 15.07 -6.07 8.47
CA LYS A 69 15.94 -6.15 9.64
C LYS A 69 15.44 -5.31 10.80
N ALA A 70 14.75 -4.20 10.49
CA ALA A 70 14.08 -3.40 11.54
C ALA A 70 13.05 -4.22 12.30
N PHE A 71 12.21 -4.95 11.55
CA PHE A 71 11.30 -5.97 12.13
C PHE A 71 12.01 -7.08 12.92
N LEU A 72 13.02 -7.69 12.32
CA LEU A 72 13.76 -8.77 13.00
C LEU A 72 14.37 -8.33 14.33
N ALA A 73 14.90 -7.10 14.36
CA ALA A 73 15.50 -6.48 15.56
C ALA A 73 14.53 -6.40 16.76
N GLN A 74 13.22 -6.47 16.49
CA GLN A 74 12.18 -6.35 17.53
C GLN A 74 11.87 -7.69 18.17
N LEU A 75 12.32 -8.76 17.51
CA LEU A 75 12.03 -10.12 17.97
C LEU A 75 13.03 -10.49 19.03
N SER A 76 12.60 -11.38 19.92
CA SER A 76 13.48 -11.94 20.96
C SER A 76 14.59 -12.73 20.30
N GLU A 77 15.71 -12.83 21.00
CA GLU A 77 16.84 -13.59 20.48
C GLU A 77 16.41 -15.03 20.22
N GLU A 78 15.66 -15.62 21.15
CA GLU A 78 15.12 -17.00 20.96
C GLU A 78 14.28 -17.10 19.68
N GLN A 79 13.44 -16.09 19.43
CA GLN A 79 12.57 -16.06 18.26
C GLN A 79 13.33 -15.98 16.95
N VAL A 80 14.38 -15.16 16.94
CA VAL A 80 15.26 -15.06 15.78
C VAL A 80 16.08 -16.37 15.66
N THR A 81 16.65 -16.81 16.77
CA THR A 81 17.53 -17.99 16.77
C THR A 81 16.86 -19.21 16.15
N LYS A 82 15.58 -19.37 16.49
CA LYS A 82 14.77 -20.48 16.02
C LYS A 82 14.47 -20.34 14.54
N LEU A 83 13.72 -19.30 14.19
CA LEU A 83 13.30 -19.13 12.81
C LEU A 83 14.49 -19.04 11.85
N LEU A 84 15.69 -18.82 12.38
CA LEU A 84 16.93 -18.81 11.58
C LEU A 84 17.63 -20.18 11.54
N HIS A 85 17.33 -21.03 12.53
CA HIS A 85 17.74 -22.43 12.47
C HIS A 85 17.10 -23.18 11.29
N ARG A 86 16.03 -22.60 10.75
N ARG A 86 16.05 -22.65 10.68
CA ARG A 86 15.03 -23.28 9.92
CA ARG A 86 15.11 -23.51 9.94
C ARG A 86 15.51 -24.06 8.69
C ARG A 86 15.42 -24.22 8.59
N LYS A 87 15.70 -23.44 7.51
N LYS A 87 15.55 -23.59 7.41
CA LYS A 87 15.58 -22.01 7.21
CA LYS A 87 15.42 -22.17 7.00
C LYS A 87 16.91 -21.45 6.66
C LYS A 87 16.68 -21.35 6.59
N GLY A 88 17.12 -21.61 5.36
CA GLY A 88 18.28 -20.98 4.70
C GLY A 88 17.91 -19.59 4.23
N LEU A 89 18.92 -18.73 4.09
CA LEU A 89 18.73 -17.32 3.78
C LEU A 89 19.28 -17.05 2.38
N HIS A 90 18.48 -16.43 1.53
CA HIS A 90 18.93 -16.12 0.17
C HIS A 90 20.04 -15.08 0.14
N ALA A 91 21.11 -15.38 -0.59
CA ALA A 91 22.20 -14.40 -0.80
C ALA A 91 21.90 -13.58 -2.04
N TYR A 92 21.42 -12.35 -1.85
CA TYR A 92 21.17 -11.38 -2.94
C TYR A 92 22.47 -10.86 -3.50
N THR A 93 23.42 -10.60 -2.61
CA THR A 93 24.74 -10.11 -2.94
C THR A 93 25.81 -10.76 -2.04
N HIS A 94 27.06 -10.40 -2.30
CA HIS A 94 28.20 -10.83 -1.45
C HIS A 94 28.09 -10.24 -0.04
N ALA A 95 27.27 -9.20 0.16
CA ALA A 95 27.14 -8.54 1.46
C ALA A 95 25.97 -9.03 2.28
N THR A 96 25.03 -9.74 1.65
CA THR A 96 23.88 -10.35 2.37
C THR A 96 24.34 -11.17 3.59
N LEU A 97 23.88 -10.76 4.77
CA LEU A 97 24.12 -11.56 5.99
C LEU A 97 23.36 -12.85 5.95
N VAL A 98 24.03 -13.91 5.50
CA VAL A 98 23.43 -15.24 5.49
C VAL A 98 23.91 -16.12 6.67
N SER A 99 24.96 -15.69 7.37
CA SER A 99 25.46 -16.37 8.56
C SER A 99 24.63 -15.91 9.77
N PRO A 100 23.99 -16.87 10.48
CA PRO A 100 23.14 -16.60 11.65
C PRO A 100 23.84 -15.77 12.74
N VAL A 101 25.11 -16.08 12.95
CA VAL A 101 26.01 -15.32 13.82
C VAL A 101 26.09 -13.85 13.37
N HIS A 102 26.39 -13.65 12.10
CA HIS A 102 26.58 -12.30 11.56
C HIS A 102 25.26 -11.52 11.57
N LEU A 103 24.17 -12.20 11.24
CA LEU A 103 22.84 -11.53 11.21
C LEU A 103 22.43 -11.11 12.61
N LYS A 104 22.54 -12.03 13.55
CA LYS A 104 22.26 -11.74 14.97
C LYS A 104 23.10 -10.58 15.52
N GLU A 105 24.37 -10.54 15.16
N GLU A 105 24.38 -10.52 15.15
CA GLU A 105 25.26 -9.42 15.50
CA GLU A 105 25.25 -9.39 15.56
C GLU A 105 24.64 -8.11 15.01
C GLU A 105 24.80 -8.05 14.96
N ASP A 106 24.34 -8.07 13.71
CA ASP A 106 23.79 -6.86 13.08
C ASP A 106 22.49 -6.41 13.75
N LEU A 107 21.64 -7.36 14.13
CA LEU A 107 20.39 -7.06 14.83
C LEU A 107 20.62 -6.47 16.23
N ALA A 108 21.64 -6.94 16.92
CA ALA A 108 22.02 -6.35 18.24
C ALA A 108 22.46 -4.92 18.07
N GLN A 109 23.31 -4.67 17.08
CA GLN A 109 23.76 -3.30 16.78
C GLN A 109 22.61 -2.41 16.36
N THR A 110 21.63 -2.99 15.62
CA THR A 110 20.35 -2.32 15.26
C THR A 110 19.59 -1.84 16.49
N ARG A 111 19.39 -2.74 17.46
CA ARG A 111 18.76 -2.34 18.71
C ARG A 111 19.52 -1.20 19.39
N LYS A 112 20.84 -1.33 19.48
CA LYS A 112 21.65 -0.30 20.13
C LYS A 112 21.62 1.09 19.46
N ARG A 113 21.76 1.14 18.12
CA ARG A 113 21.81 2.42 17.42
C ARG A 113 20.42 2.98 17.12
N GLY A 114 19.39 2.16 17.27
CA GLY A 114 18.02 2.63 17.06
C GLY A 114 17.45 2.47 15.64
N TYR A 115 18.26 1.96 14.70
CA TYR A 115 17.87 1.90 13.26
C TYR A 115 18.59 0.76 12.57
N SER A 116 17.96 0.17 11.56
CA SER A 116 18.62 -0.87 10.78
C SER A 116 19.31 -0.19 9.61
N PHE A 117 20.26 -0.94 9.05
CA PHE A 117 21.08 -0.47 7.93
C PHE A 117 21.37 -1.65 7.00
N ASP A 118 20.85 -1.53 5.77
CA ASP A 118 21.04 -2.44 4.68
C ASP A 118 22.16 -1.80 3.87
N ASP A 119 23.33 -2.43 3.89
CA ASP A 119 24.45 -1.86 3.21
C ASP A 119 24.74 -2.77 1.98
N GLU A 120 24.01 -2.53 0.89
CA GLU A 120 24.13 -3.33 -0.33
C GLU A 120 23.80 -4.83 -0.14
N GLU A 121 22.93 -5.15 0.84
CA GLU A 121 22.57 -6.51 1.13
C GLU A 121 21.40 -7.02 0.33
N HIS A 122 20.56 -6.10 -0.19
CA HIS A 122 19.45 -6.51 -1.04
C HIS A 122 19.86 -6.41 -2.52
N ALA A 123 20.52 -5.32 -2.85
CA ALA A 123 21.04 -5.10 -4.19
C ALA A 123 22.31 -4.28 -4.16
N LEU A 124 23.21 -4.60 -5.11
CA LEU A 124 24.40 -3.81 -5.25
C LEU A 124 24.06 -2.36 -5.48
N GLY A 125 24.76 -1.48 -4.79
CA GLY A 125 24.71 -0.04 -4.96
C GLY A 125 23.53 0.62 -4.18
N LEU A 126 22.77 -0.19 -3.45
CA LEU A 126 21.53 0.27 -2.76
C LEU A 126 21.76 0.21 -1.22
N ARG A 127 21.50 1.31 -0.53
CA ARG A 127 21.49 1.37 0.92
C ARG A 127 20.10 1.77 1.42
N CYS A 128 19.71 1.24 2.58
CA CYS A 128 18.52 1.74 3.27
C CYS A 128 18.76 1.82 4.76
N LEU A 129 18.03 2.73 5.37
CA LEU A 129 18.00 2.92 6.84
CA LEU A 129 17.99 2.84 6.82
C LEU A 129 16.54 2.85 7.25
N ALA A 130 16.24 2.12 8.32
CA ALA A 130 14.84 2.00 8.72
C ALA A 130 14.65 1.94 10.24
N ALA A 131 13.43 2.26 10.64
CA ALA A 131 13.03 2.11 12.05
C ALA A 131 11.54 1.69 12.12
N CYS A 132 11.19 0.96 13.19
CA CYS A 132 9.84 0.44 13.39
C CYS A 132 8.89 1.53 13.90
N ILE A 133 7.62 1.34 13.52
CA ILE A 133 6.48 2.09 14.03
C ILE A 133 5.66 1.13 14.90
N PHE A 134 5.13 1.67 16.02
CA PHE A 134 4.46 0.83 17.04
C PHE A 134 3.03 1.28 17.16
N ASP A 135 2.15 0.30 17.41
CA ASP A 135 0.74 0.60 17.65
C ASP A 135 0.45 0.98 19.14
N GLU A 136 -0.84 1.07 19.49
CA GLU A 136 -1.21 1.43 20.85
C GLU A 136 -0.88 0.41 21.92
N HIS A 137 -0.51 -0.81 21.50
CA HIS A 137 -0.08 -1.86 22.44
C HIS A 137 1.45 -1.95 22.43
N ARG A 138 2.09 -0.96 21.81
CA ARG A 138 3.56 -0.90 21.70
C ARG A 138 4.11 -2.11 20.93
N GLU A 139 3.34 -2.58 19.93
CA GLU A 139 3.73 -3.74 19.14
C GLU A 139 4.23 -3.21 17.79
N PRO A 140 5.36 -3.76 17.29
CA PRO A 140 5.81 -3.20 16.01
C PRO A 140 4.89 -3.75 14.88
N PHE A 141 4.41 -2.88 14.01
CA PHE A 141 3.52 -3.36 12.93
C PHE A 141 3.98 -2.82 11.58
N ALA A 142 4.73 -1.73 11.60
CA ALA A 142 5.17 -1.09 10.34
C ALA A 142 6.64 -0.66 10.48
N ALA A 143 7.29 -0.37 9.34
CA ALA A 143 8.62 0.24 9.38
C ALA A 143 8.72 1.31 8.31
N ILE A 144 9.47 2.36 8.60
CA ILE A 144 9.66 3.39 7.57
C ILE A 144 11.14 3.30 7.18
N SER A 145 11.40 3.38 5.88
CA SER A 145 12.84 3.28 5.44
C SER A 145 13.15 4.41 4.49
N ILE A 146 14.41 4.88 4.52
CA ILE A 146 14.97 5.76 3.50
C ILE A 146 15.83 4.83 2.61
N SER A 147 15.68 4.91 1.29
CA SER A 147 16.33 3.94 0.39
C SER A 147 16.93 4.71 -0.76
N GLY A 148 18.23 4.51 -1.05
CA GLY A 148 18.84 5.31 -2.11
C GLY A 148 20.22 4.76 -2.45
N PRO A 149 20.83 5.39 -3.47
CA PRO A 149 22.11 4.87 -3.95
C PRO A 149 23.25 5.30 -3.08
N ILE A 150 24.23 4.41 -3.03
CA ILE A 150 25.46 4.62 -2.29
C ILE A 150 26.24 5.85 -2.80
N SER A 151 25.99 6.27 -4.02
CA SER A 151 26.52 7.55 -4.54
C SER A 151 26.08 8.73 -3.67
N ARG A 152 24.89 8.66 -3.06
CA ARG A 152 24.37 9.78 -2.30
C ARG A 152 24.33 9.44 -0.81
N ILE A 153 23.95 8.21 -0.49
CA ILE A 153 23.98 7.72 0.90
C ILE A 153 25.39 7.23 1.24
N THR A 154 26.25 8.21 1.45
CA THR A 154 27.66 7.93 1.69
C THR A 154 27.92 7.79 3.19
N ASP A 155 29.00 7.10 3.51
CA ASP A 155 29.41 6.83 4.89
C ASP A 155 29.22 7.99 5.85
N ASP A 156 29.52 9.22 5.42
CA ASP A 156 29.42 10.41 6.28
C ASP A 156 27.97 10.84 6.58
N ARG A 157 27.01 10.22 5.89
CA ARG A 157 25.57 10.51 6.05
C ARG A 157 24.75 9.42 6.77
N VAL A 158 25.35 8.26 7.03
CA VAL A 158 24.66 7.08 7.56
C VAL A 158 24.08 7.37 8.94
N THR A 159 24.92 7.85 9.84
CA THR A 159 24.42 8.26 11.19
C THR A 159 23.32 9.31 11.17
N GLU A 160 23.53 10.39 10.40
CA GLU A 160 22.55 11.44 10.22
C GLU A 160 21.22 10.91 9.67
N PHE A 161 21.29 10.08 8.61
CA PHE A 161 20.05 9.44 8.08
C PHE A 161 19.35 8.55 9.11
N GLY A 162 20.14 7.80 9.88
CA GLY A 162 19.67 7.00 11.00
C GLY A 162 18.84 7.83 11.95
N ALA A 163 19.40 8.98 12.32
CA ALA A 163 18.70 9.94 13.18
C ALA A 163 17.35 10.41 12.58
N MET A 164 17.37 10.75 11.30
CA MET A 164 16.18 11.22 10.57
C MET A 164 15.08 10.16 10.61
N VAL A 165 15.45 8.89 10.45
CA VAL A 165 14.43 7.85 10.32
C VAL A 165 13.86 7.48 11.68
N ILE A 166 14.72 7.52 12.72
CA ILE A 166 14.25 7.31 14.11
C ILE A 166 13.19 8.36 14.43
N LYS A 167 13.52 9.64 14.21
CA LYS A 167 12.58 10.74 14.44
C LYS A 167 11.25 10.58 13.66
N ALA A 168 11.36 10.29 12.37
CA ALA A 168 10.19 10.04 11.54
C ALA A 168 9.30 8.91 12.08
N ALA A 169 9.89 7.77 12.43
CA ALA A 169 9.15 6.60 12.92
C ALA A 169 8.42 6.97 14.20
N LYS A 170 9.11 7.70 15.08
CA LYS A 170 8.47 8.13 16.33
C LYS A 170 7.27 9.06 16.03
N GLU A 171 7.37 9.91 15.00
CA GLU A 171 6.28 10.81 14.66
C GLU A 171 5.08 10.03 14.09
N VAL A 172 5.37 9.00 13.28
CA VAL A 172 4.28 8.13 12.77
C VAL A 172 3.62 7.37 13.92
N THR A 173 4.41 6.75 14.78
CA THR A 173 3.90 6.16 16.02
C THR A 173 2.96 7.10 16.80
N LEU A 174 3.43 8.33 17.12
CA LEU A 174 2.57 9.28 17.82
C LEU A 174 1.27 9.54 17.04
N ALA A 175 1.41 9.80 15.71
CA ALA A 175 0.26 10.18 14.87
C ALA A 175 -0.73 9.01 14.88
N TYR A 176 -0.21 7.78 14.79
CA TYR A 176 -1.05 6.56 14.81
C TYR A 176 -1.79 6.43 16.13
N GLY A 177 -1.06 6.67 17.23
CA GLY A 177 -1.69 6.62 18.57
C GLY A 177 -2.90 7.55 18.61
N GLY A 178 -2.71 8.78 18.13
CA GLY A 178 -3.78 9.78 18.08
C GLY A 178 -4.95 9.48 17.16
N MET A 179 -4.72 8.70 16.07
CA MET A 179 -5.72 8.42 15.02
C MET A 179 -6.09 6.95 14.71
N ARG A 180 -5.50 5.98 15.43
CA ARG A 180 -5.93 4.56 15.54
C ARG A 180 -7.35 4.37 15.00
N GLY A 181 -7.54 3.51 14.01
CA GLY A 181 -8.89 3.17 13.52
C GLY A 181 -9.55 4.14 12.52
N SER A 182 -8.85 5.23 12.20
CA SER A 182 -9.33 6.18 11.20
C SER A 182 -9.35 5.55 9.81
N GLY B 1 2.97 -4.74 -12.03
CA GLY B 1 3.83 -3.68 -12.61
C GLY B 1 3.11 -2.67 -13.47
N HIS B 2 3.19 -1.40 -13.07
CA HIS B 2 3.94 -0.98 -11.90
C HIS B 2 3.01 -0.07 -11.11
N MET B 3 2.77 -0.44 -9.86
CA MET B 3 1.93 0.32 -8.94
C MET B 3 2.71 1.40 -8.18
N SER B 4 2.31 2.67 -8.29
CA SER B 4 3.00 3.75 -7.57
C SER B 4 2.04 4.66 -6.80
N ARG B 5 2.57 5.43 -5.87
CA ARG B 5 1.70 6.40 -5.18
C ARG B 5 1.06 7.39 -6.22
N ASN B 6 1.80 7.77 -7.28
CA ASN B 6 1.18 8.66 -8.30
C ASN B 6 0.05 8.03 -9.09
N LEU B 7 0.21 6.75 -9.44
CA LEU B 7 -0.86 6.04 -10.11
C LEU B 7 -2.07 6.03 -9.18
N LEU B 8 -1.83 5.80 -7.90
CA LEU B 8 -2.93 5.68 -6.93
C LEU B 8 -3.64 7.03 -6.78
N ALA B 9 -2.86 8.09 -6.74
CA ALA B 9 -3.39 9.46 -6.73
C ALA B 9 -4.29 9.74 -7.92
N ILE B 10 -3.87 9.31 -9.10
CA ILE B 10 -4.64 9.56 -10.30
C ILE B 10 -5.96 8.79 -10.30
N VAL B 11 -5.95 7.55 -9.86
CA VAL B 11 -7.18 6.75 -9.97
C VAL B 11 -8.05 6.76 -8.71
N HIS B 12 -7.54 7.37 -7.65
CA HIS B 12 -8.34 7.56 -6.42
C HIS B 12 -9.81 7.93 -6.66
N PRO B 13 -10.09 8.99 -7.45
CA PRO B 13 -11.51 9.36 -7.59
C PRO B 13 -12.39 8.25 -8.16
N ILE B 14 -11.81 7.38 -9.00
CA ILE B 14 -12.53 6.22 -9.56
C ILE B 14 -12.89 5.29 -8.40
N LEU B 15 -11.94 5.03 -7.51
CA LEU B 15 -12.25 4.16 -6.37
C LEU B 15 -13.30 4.80 -5.46
N ARG B 16 -13.07 6.09 -5.16
CA ARG B 16 -13.98 6.85 -4.31
C ARG B 16 -15.40 6.86 -4.90
N ASN B 17 -15.50 7.11 -6.20
CA ASN B 17 -16.82 7.16 -6.88
C ASN B 17 -17.55 5.81 -6.77
N LEU B 18 -16.77 4.74 -6.92
CA LEU B 18 -17.29 3.37 -6.78
C LEU B 18 -17.80 3.10 -5.37
N MET B 19 -17.07 3.56 -4.36
CA MET B 19 -17.51 3.39 -2.97
C MET B 19 -18.80 4.19 -2.79
N GLU B 20 -18.82 5.43 -3.33
CA GLU B 20 -20.00 6.32 -3.18
C GLU B 20 -21.28 5.78 -3.87
N GLU B 21 -21.10 5.12 -5.00
CA GLU B 21 -22.22 4.59 -5.79
C GLU B 21 -22.75 3.29 -5.19
N SER B 22 -21.83 2.38 -4.82
CA SER B 22 -22.19 1.08 -4.22
C SER B 22 -22.56 1.10 -2.73
N GLY B 23 -22.03 2.07 -1.99
CA GLY B 23 -22.15 2.11 -0.55
C GLY B 23 -21.26 1.14 0.18
N GLU B 24 -20.30 0.54 -0.55
CA GLU B 24 -19.45 -0.51 0.03
C GLU B 24 -17.96 -0.20 -0.05
N THR B 25 -17.19 -0.95 0.70
CA THR B 25 -15.72 -0.82 0.72
C THR B 25 -15.23 -1.17 -0.68
N VAL B 26 -14.24 -0.43 -1.17
CA VAL B 26 -13.64 -0.70 -2.51
C VAL B 26 -12.14 -0.92 -2.27
N ASN B 27 -11.64 -2.05 -2.79
CA ASN B 27 -10.23 -2.49 -2.67
C ASN B 27 -9.57 -2.48 -4.02
N MET B 28 -8.28 -2.16 -4.05
CA MET B 28 -7.51 -2.47 -5.23
C MET B 28 -6.29 -3.31 -4.82
N ALA B 29 -6.16 -4.46 -5.45
CA ALA B 29 -5.08 -5.41 -5.12
C ALA B 29 -4.17 -5.55 -6.36
N VAL B 30 -2.90 -5.81 -6.09
CA VAL B 30 -1.95 -6.14 -7.15
C VAL B 30 -1.65 -7.64 -7.09
N LEU B 31 -1.38 -8.19 -8.26
CA LEU B 31 -0.97 -9.58 -8.37
C LEU B 31 0.52 -9.65 -8.15
N ASP B 32 0.89 -10.40 -7.13
CA ASP B 32 2.30 -10.79 -6.97
C ASP B 32 2.57 -11.96 -7.93
N GLN B 33 3.40 -11.72 -8.92
CA GLN B 33 3.70 -12.73 -9.95
C GLN B 33 4.77 -13.79 -9.52
N SER B 34 5.44 -13.52 -8.40
CA SER B 34 6.38 -14.45 -7.78
C SER B 34 5.73 -15.40 -6.81
N ASP B 35 4.91 -14.88 -5.89
CA ASP B 35 4.33 -15.71 -4.84
C ASP B 35 2.87 -16.11 -5.14
N HIS B 36 2.41 -15.70 -6.33
CA HIS B 36 1.02 -15.93 -6.76
C HIS B 36 0.05 -15.54 -5.69
N GLU B 37 0.03 -14.24 -5.39
CA GLU B 37 -0.85 -13.65 -4.36
C GLU B 37 -1.59 -12.37 -4.85
N ALA B 38 -2.69 -12.01 -4.19
CA ALA B 38 -3.39 -10.74 -4.42
C ALA B 38 -3.22 -9.90 -3.15
N ILE B 39 -2.51 -8.79 -3.26
CA ILE B 39 -2.10 -8.00 -2.09
C ILE B 39 -2.80 -6.65 -2.26
N ILE B 40 -3.53 -6.28 -1.24
CA ILE B 40 -4.33 -5.06 -1.26
C ILE B 40 -3.40 -3.85 -1.13
N ILE B 41 -3.42 -2.96 -2.10
CA ILE B 41 -2.47 -1.80 -2.03
C ILE B 41 -3.22 -0.45 -1.99
N ASP B 42 -4.54 -0.48 -2.09
CA ASP B 42 -5.33 0.73 -1.81
C ASP B 42 -6.79 0.30 -1.49
N GLN B 43 -7.52 1.21 -0.89
CA GLN B 43 -8.85 0.89 -0.37
C GLN B 43 -9.54 2.17 0.02
N VAL B 44 -10.79 2.31 -0.41
CA VAL B 44 -11.62 3.45 -0.01
C VAL B 44 -12.72 2.82 0.79
N GLN B 45 -12.77 3.20 2.05
CA GLN B 45 -13.78 2.65 2.94
C GLN B 45 -15.15 3.30 2.83
N CYS B 46 -16.20 2.50 3.02
CA CYS B 46 -17.55 3.08 3.18
C CYS B 46 -17.71 3.49 4.64
N THR B 47 -18.78 4.21 4.96
CA THR B 47 -18.98 4.72 6.31
C THR B 47 -19.92 3.83 7.24
N HIS B 48 -20.24 2.60 6.81
CA HIS B 48 -21.01 1.70 7.66
C HIS B 48 -20.21 1.26 8.90
N LEU B 49 -20.93 0.97 9.98
CA LEU B 49 -20.27 0.41 11.18
C LEU B 49 -19.59 -0.94 10.95
N MET B 50 -20.24 -1.75 10.11
CA MET B 50 -19.77 -3.12 9.89
C MET B 50 -19.34 -3.19 8.42
N ARG B 51 -18.10 -3.59 8.18
CA ARG B 51 -17.56 -3.48 6.82
C ARG B 51 -16.38 -4.40 6.62
N MET B 52 -16.05 -4.69 5.35
CA MET B 52 -14.87 -5.44 5.01
C MET B 52 -13.71 -4.53 5.45
N SER B 53 -12.90 -5.00 6.38
CA SER B 53 -11.95 -4.14 7.07
C SER B 53 -10.52 -4.67 6.95
N ALA B 54 -10.18 -5.19 5.79
CA ALA B 54 -8.80 -5.66 5.56
C ALA B 54 -7.91 -4.41 5.55
N PRO B 55 -6.67 -4.52 6.08
CA PRO B 55 -5.76 -3.40 6.05
C PRO B 55 -5.05 -3.28 4.66
N ILE B 56 -4.50 -2.13 4.36
CA ILE B 56 -3.64 -2.06 3.16
C ILE B 56 -2.44 -2.98 3.45
N GLY B 57 -2.04 -3.75 2.43
CA GLY B 57 -1.00 -4.77 2.59
C GLY B 57 -1.56 -6.14 2.92
N GLY B 58 -2.87 -6.22 3.23
CA GLY B 58 -3.51 -7.54 3.49
C GLY B 58 -3.57 -8.39 2.22
N LYS B 59 -3.62 -9.71 2.37
CA LYS B 59 -3.65 -10.61 1.20
C LYS B 59 -5.01 -11.24 1.08
N LEU B 60 -5.36 -11.61 -0.15
CA LEU B 60 -6.63 -12.23 -0.48
C LEU B 60 -6.34 -13.54 -1.23
N PRO B 61 -7.06 -14.62 -0.88
CA PRO B 61 -6.70 -15.91 -1.49
C PRO B 61 -6.98 -15.94 -3.02
N MET B 62 -6.16 -16.63 -3.80
CA MET B 62 -6.38 -16.66 -5.27
C MET B 62 -7.70 -17.33 -5.72
N HIS B 63 -8.06 -18.46 -5.11
CA HIS B 63 -9.22 -19.26 -5.57
C HIS B 63 -10.56 -18.90 -4.89
N ALA B 64 -10.50 -18.02 -3.86
CA ALA B 64 -11.61 -17.82 -2.92
C ALA B 64 -11.92 -16.35 -2.61
N SER B 65 -11.41 -15.43 -3.43
CA SER B 65 -11.82 -14.03 -3.27
C SER B 65 -12.23 -13.48 -4.65
N GLY B 66 -12.94 -12.35 -4.66
CA GLY B 66 -13.20 -11.62 -5.92
C GLY B 66 -11.91 -11.25 -6.64
N ALA B 67 -11.01 -10.54 -5.96
CA ALA B 67 -9.74 -10.13 -6.57
C ALA B 67 -8.97 -11.40 -7.08
N GLY B 68 -8.84 -12.39 -6.22
CA GLY B 68 -8.17 -13.66 -6.59
C GLY B 68 -8.68 -14.22 -7.89
N LYS B 69 -9.98 -14.44 -7.97
CA LYS B 69 -10.56 -15.18 -9.09
C LYS B 69 -10.62 -14.30 -10.35
N ALA B 70 -10.70 -12.99 -10.16
CA ALA B 70 -10.49 -12.05 -11.28
C ALA B 70 -9.13 -12.28 -11.95
N PHE B 71 -8.08 -12.42 -11.14
CA PHE B 71 -6.76 -12.68 -11.71
C PHE B 71 -6.75 -14.07 -12.33
N LEU B 72 -7.29 -15.07 -11.62
CA LEU B 72 -7.21 -16.47 -12.11
C LEU B 72 -7.93 -16.65 -13.46
N ALA B 73 -9.04 -15.93 -13.63
CA ALA B 73 -9.85 -15.95 -14.85
C ALA B 73 -9.09 -15.56 -16.10
N GLN B 74 -7.98 -14.82 -15.95
CA GLN B 74 -7.19 -14.37 -17.08
C GLN B 74 -6.14 -15.39 -17.50
N LEU B 75 -6.03 -16.47 -16.75
CA LEU B 75 -4.95 -17.46 -16.99
C LEU B 75 -5.42 -18.61 -17.88
N SER B 76 -4.48 -19.18 -18.62
CA SER B 76 -4.76 -20.42 -19.36
C SER B 76 -5.01 -21.54 -18.38
N GLU B 77 -5.63 -22.62 -18.85
N GLU B 77 -5.59 -22.62 -18.87
CA GLU B 77 -5.84 -23.82 -18.02
CA GLU B 77 -5.85 -23.80 -18.04
C GLU B 77 -4.54 -24.31 -17.41
C GLU B 77 -4.56 -24.38 -17.44
N GLU B 78 -3.50 -24.40 -18.24
CA GLU B 78 -2.17 -24.84 -17.77
C GLU B 78 -1.64 -23.95 -16.66
N GLN B 79 -1.74 -22.62 -16.84
CA GLN B 79 -1.26 -21.66 -15.82
C GLN B 79 -2.08 -21.78 -14.54
N VAL B 80 -3.40 -21.93 -14.68
CA VAL B 80 -4.29 -22.08 -13.54
C VAL B 80 -3.96 -23.36 -12.76
N THR B 81 -3.84 -24.48 -13.47
CA THR B 81 -3.47 -25.75 -12.85
C THR B 81 -2.18 -25.64 -12.06
N LYS B 82 -1.15 -25.09 -12.70
CA LYS B 82 0.17 -24.94 -12.02
C LYS B 82 0.10 -24.07 -10.76
N LEU B 83 -0.66 -22.95 -10.82
CA LEU B 83 -0.78 -22.06 -9.66
C LEU B 83 -1.45 -22.77 -8.53
N LEU B 84 -2.56 -23.47 -8.83
CA LEU B 84 -3.30 -24.14 -7.75
C LEU B 84 -2.53 -25.29 -7.17
N HIS B 85 -1.70 -25.95 -7.97
CA HIS B 85 -0.82 -26.97 -7.38
C HIS B 85 0.15 -26.35 -6.36
N ARG B 86 0.59 -25.12 -6.65
N ARG B 86 0.65 -25.15 -6.67
CA ARG B 86 1.54 -24.40 -5.79
CA ARG B 86 1.51 -24.42 -5.75
C ARG B 86 0.90 -23.67 -4.57
C ARG B 86 0.74 -23.92 -4.51
N LYS B 87 -0.32 -23.14 -4.73
CA LYS B 87 -0.96 -22.39 -3.63
C LYS B 87 -2.10 -23.13 -2.88
N GLY B 88 -2.55 -24.26 -3.42
CA GLY B 88 -3.64 -25.05 -2.84
C GLY B 88 -5.05 -24.48 -3.01
N LEU B 89 -6.03 -25.25 -2.54
CA LEU B 89 -7.43 -24.83 -2.57
C LEU B 89 -8.02 -24.96 -1.17
N HIS B 90 -7.45 -24.22 -0.24
CA HIS B 90 -7.92 -24.24 1.13
C HIS B 90 -9.43 -23.95 1.23
N ALA B 91 -10.14 -24.79 1.96
CA ALA B 91 -11.57 -24.59 2.18
C ALA B 91 -11.83 -23.67 3.38
N TYR B 92 -11.96 -22.37 3.12
CA TYR B 92 -12.38 -21.40 4.15
C TYR B 92 -13.77 -21.62 4.67
N THR B 93 -14.71 -21.90 3.76
CA THR B 93 -16.12 -22.08 4.10
C THR B 93 -16.72 -23.22 3.30
N HIS B 94 -17.98 -23.57 3.60
CA HIS B 94 -18.67 -24.60 2.79
C HIS B 94 -18.84 -24.12 1.35
N ALA B 95 -18.71 -22.80 1.13
CA ALA B 95 -18.92 -22.31 -0.23
C ALA B 95 -17.67 -22.33 -1.11
N THR B 96 -16.49 -22.36 -0.49
CA THR B 96 -15.23 -22.27 -1.22
C THR B 96 -15.18 -23.36 -2.31
N LEU B 97 -14.77 -22.96 -3.51
CA LEU B 97 -14.62 -23.85 -4.65
C LEU B 97 -13.30 -24.59 -4.45
N VAL B 98 -13.38 -25.83 -4.02
CA VAL B 98 -12.14 -26.57 -3.67
C VAL B 98 -11.87 -27.67 -4.68
N SER B 99 -12.81 -27.86 -5.60
CA SER B 99 -12.68 -28.78 -6.69
C SER B 99 -12.18 -27.99 -7.90
N PRO B 100 -11.03 -28.40 -8.49
CA PRO B 100 -10.51 -27.71 -9.66
C PRO B 100 -11.56 -27.59 -10.77
N VAL B 101 -12.39 -28.63 -10.97
CA VAL B 101 -13.44 -28.55 -12.01
C VAL B 101 -14.48 -27.43 -11.78
N HIS B 102 -14.92 -27.28 -10.53
CA HIS B 102 -15.95 -26.31 -10.24
C HIS B 102 -15.36 -24.92 -10.26
N LEU B 103 -14.10 -24.83 -9.87
CA LEU B 103 -13.38 -23.54 -9.96
C LEU B 103 -13.21 -23.11 -11.42
N LYS B 104 -12.78 -24.05 -12.26
CA LYS B 104 -12.57 -23.71 -13.67
C LYS B 104 -13.87 -23.27 -14.34
N GLU B 105 -14.97 -23.91 -13.99
CA GLU B 105 -16.28 -23.47 -14.46
C GLU B 105 -16.60 -22.08 -13.96
N ASP B 106 -16.38 -21.83 -12.67
CA ASP B 106 -16.57 -20.46 -12.16
C ASP B 106 -15.75 -19.40 -12.93
N LEU B 107 -14.49 -19.73 -13.27
CA LEU B 107 -13.60 -18.86 -13.97
C LEU B 107 -14.08 -18.66 -15.41
N ALA B 108 -14.60 -19.73 -16.05
CA ALA B 108 -15.27 -19.57 -17.39
C ALA B 108 -16.45 -18.59 -17.30
N GLN B 109 -17.32 -18.74 -16.29
CA GLN B 109 -18.43 -17.78 -16.07
C GLN B 109 -17.92 -16.32 -15.84
N THR B 110 -16.81 -16.22 -15.10
CA THR B 110 -16.11 -14.94 -14.82
C THR B 110 -15.70 -14.23 -16.12
N ARG B 111 -15.03 -14.96 -17.02
CA ARG B 111 -14.69 -14.36 -18.32
C ARG B 111 -15.95 -13.94 -19.09
N LYS B 112 -16.96 -14.78 -19.05
CA LYS B 112 -18.19 -14.51 -19.84
C LYS B 112 -18.92 -13.23 -19.36
N ARG B 113 -19.14 -13.13 -18.05
CA ARG B 113 -19.93 -12.02 -17.49
C ARG B 113 -19.07 -10.76 -17.20
N GLY B 114 -17.73 -10.91 -17.23
CA GLY B 114 -16.83 -9.76 -17.14
C GLY B 114 -16.43 -9.39 -15.69
N TYR B 115 -16.94 -10.17 -14.74
CA TYR B 115 -16.60 -9.92 -13.31
C TYR B 115 -16.56 -11.20 -12.52
N SER B 116 -15.72 -11.20 -11.48
CA SER B 116 -15.69 -12.31 -10.55
C SER B 116 -16.66 -12.07 -9.40
N PHE B 117 -17.12 -13.13 -8.75
CA PHE B 117 -18.06 -13.00 -7.63
C PHE B 117 -17.64 -13.99 -6.56
N ASP B 118 -17.34 -13.45 -5.37
CA ASP B 118 -17.02 -14.27 -4.19
C ASP B 118 -18.30 -14.32 -3.35
N ASP B 119 -18.92 -15.50 -3.29
CA ASP B 119 -20.18 -15.63 -2.58
C ASP B 119 -19.93 -16.37 -1.27
N GLU B 120 -19.40 -15.66 -0.28
CA GLU B 120 -19.06 -16.23 1.04
C GLU B 120 -18.02 -17.36 0.91
N GLU B 121 -17.13 -17.22 -0.07
CA GLU B 121 -16.10 -18.24 -0.30
C GLU B 121 -14.89 -18.01 0.55
N HIS B 122 -14.63 -16.76 0.97
CA HIS B 122 -13.44 -16.47 1.77
C HIS B 122 -13.83 -16.46 3.25
N ALA B 123 -14.98 -15.85 3.52
CA ALA B 123 -15.52 -15.82 4.92
C ALA B 123 -17.03 -15.80 4.88
N LEU B 124 -17.66 -16.44 5.87
CA LEU B 124 -19.13 -16.46 5.90
C LEU B 124 -19.61 -15.00 6.05
N GLY B 125 -20.66 -14.68 5.31
CA GLY B 125 -21.27 -13.37 5.42
C GLY B 125 -20.62 -12.30 4.58
N LEU B 126 -19.55 -12.64 3.84
CA LEU B 126 -18.80 -11.64 3.07
C LEU B 126 -18.95 -11.95 1.60
N ARG B 127 -19.33 -10.94 0.82
CA ARG B 127 -19.42 -11.05 -0.63
C ARG B 127 -18.50 -10.04 -1.31
N CYS B 128 -17.97 -10.37 -2.47
CA CYS B 128 -17.23 -9.37 -3.22
C CYS B 128 -17.51 -9.52 -4.70
N LEU B 129 -17.41 -8.40 -5.42
CA LEU B 129 -17.47 -8.39 -6.91
C LEU B 129 -16.15 -7.78 -7.40
N ALA B 130 -15.54 -8.32 -8.48
CA ALA B 130 -14.24 -7.78 -8.85
C ALA B 130 -14.01 -7.88 -10.39
N ALA B 131 -13.13 -7.04 -10.89
CA ALA B 131 -12.73 -7.09 -12.29
C ALA B 131 -11.25 -6.76 -12.39
N CYS B 132 -10.56 -7.37 -13.35
N CYS B 132 -10.60 -7.34 -13.39
CA CYS B 132 -9.15 -7.07 -13.54
CA CYS B 132 -9.18 -7.17 -13.62
C CYS B 132 -8.90 -5.75 -14.22
C CYS B 132 -8.85 -5.84 -14.31
N ILE B 133 -7.69 -5.26 -13.96
CA ILE B 133 -7.16 -4.05 -14.54
C ILE B 133 -5.88 -4.56 -15.27
N PHE B 134 -5.64 -3.99 -16.46
CA PHE B 134 -4.58 -4.43 -17.37
C PHE B 134 -3.57 -3.30 -17.61
N ASP B 135 -2.30 -3.69 -17.72
CA ASP B 135 -1.26 -2.73 -17.98
C ASP B 135 -1.06 -2.53 -19.49
N GLU B 136 0.18 -2.20 -19.83
CA GLU B 136 0.51 -1.48 -21.07
C GLU B 136 0.06 -1.88 -22.48
N HIS B 137 0.24 -3.08 -23.07
CA HIS B 137 0.78 -4.42 -22.68
C HIS B 137 -0.25 -5.51 -22.40
N ARG B 138 -1.44 -5.11 -21.94
CA ARG B 138 -2.57 -6.02 -21.80
C ARG B 138 -2.39 -7.21 -20.89
N GLU B 139 -1.51 -7.09 -19.90
CA GLU B 139 -1.37 -8.16 -18.92
C GLU B 139 -2.19 -7.82 -17.67
N PRO B 140 -2.85 -8.82 -17.06
CA PRO B 140 -3.51 -8.61 -15.77
C PRO B 140 -2.45 -8.16 -14.76
N PHE B 141 -2.76 -7.13 -14.01
CA PHE B 141 -1.79 -6.70 -13.03
C PHE B 141 -2.42 -6.22 -11.74
N ALA B 142 -3.69 -5.79 -11.80
CA ALA B 142 -4.39 -5.37 -10.57
C ALA B 142 -5.88 -5.72 -10.72
N ALA B 143 -6.62 -5.61 -9.61
CA ALA B 143 -8.03 -5.95 -9.66
C ALA B 143 -8.71 -5.04 -8.67
N ILE B 144 -9.88 -4.55 -9.06
CA ILE B 144 -10.66 -3.74 -8.16
C ILE B 144 -11.83 -4.53 -7.65
N SER B 145 -12.13 -4.43 -6.35
CA SER B 145 -13.26 -5.18 -5.85
C SER B 145 -14.17 -4.32 -4.98
N ILE B 146 -15.45 -4.64 -4.99
CA ILE B 146 -16.43 -4.09 -4.05
C ILE B 146 -16.63 -5.21 -3.03
N SER B 147 -16.53 -4.91 -1.74
CA SER B 147 -16.55 -5.96 -0.75
C SER B 147 -17.47 -5.55 0.37
N GLY B 148 -18.36 -6.44 0.76
CA GLY B 148 -19.32 -6.11 1.78
C GLY B 148 -20.12 -7.28 2.33
N PRO B 149 -20.91 -7.03 3.37
CA PRO B 149 -21.65 -8.07 4.03
C PRO B 149 -22.87 -8.48 3.18
N ILE B 150 -23.26 -9.73 3.31
CA ILE B 150 -24.34 -10.27 2.53
C ILE B 150 -25.70 -9.57 2.89
N SER B 151 -25.80 -9.04 4.10
CA SER B 151 -26.95 -8.28 4.56
C SER B 151 -27.19 -7.03 3.67
N ARG B 152 -26.12 -6.49 3.10
CA ARG B 152 -26.21 -5.37 2.17
C ARG B 152 -26.04 -5.71 0.70
N ILE B 153 -25.10 -6.62 0.37
CA ILE B 153 -24.94 -7.11 -1.02
C ILE B 153 -25.86 -8.30 -1.21
N THR B 154 -27.16 -7.98 -1.31
CA THR B 154 -28.16 -8.96 -1.48
C THR B 154 -28.08 -9.53 -2.89
N ASP B 155 -28.76 -10.64 -3.14
CA ASP B 155 -28.73 -11.30 -4.46
C ASP B 155 -29.03 -10.36 -5.60
N ASP B 156 -30.00 -9.46 -5.40
CA ASP B 156 -30.48 -8.63 -6.47
C ASP B 156 -29.40 -7.56 -6.80
N ARG B 157 -28.45 -7.34 -5.88
CA ARG B 157 -27.36 -6.36 -6.17
C ARG B 157 -26.11 -6.94 -6.88
N VAL B 158 -26.05 -8.27 -7.01
CA VAL B 158 -24.84 -8.90 -7.54
C VAL B 158 -24.51 -8.47 -8.98
N THR B 159 -25.42 -8.65 -9.97
CA THR B 159 -25.09 -8.28 -11.34
C THR B 159 -24.97 -6.75 -11.45
N GLU B 160 -25.72 -6.03 -10.59
CA GLU B 160 -25.65 -4.58 -10.54
C GLU B 160 -24.21 -4.14 -10.18
N PHE B 161 -23.70 -4.70 -9.10
CA PHE B 161 -22.33 -4.41 -8.64
C PHE B 161 -21.27 -4.93 -9.62
N GLY B 162 -21.52 -6.08 -10.23
CA GLY B 162 -20.70 -6.59 -11.34
C GLY B 162 -20.50 -5.52 -12.40
N ALA B 163 -21.61 -4.91 -12.85
CA ALA B 163 -21.54 -3.83 -13.82
C ALA B 163 -20.71 -2.65 -13.30
N MET B 164 -20.87 -2.32 -12.03
CA MET B 164 -20.14 -1.17 -11.49
C MET B 164 -18.64 -1.43 -11.53
N VAL B 165 -18.22 -2.64 -11.19
CA VAL B 165 -16.77 -2.90 -11.11
C VAL B 165 -16.16 -3.05 -12.45
N ILE B 166 -16.93 -3.61 -13.40
CA ILE B 166 -16.48 -3.62 -14.78
C ILE B 166 -16.18 -2.21 -15.25
N LYS B 167 -17.16 -1.30 -15.08
CA LYS B 167 -16.97 0.08 -15.54
C LYS B 167 -15.74 0.72 -14.85
N ALA B 168 -15.60 0.58 -13.54
CA ALA B 168 -14.45 1.12 -12.81
C ALA B 168 -13.10 0.53 -13.29
N ALA B 169 -13.04 -0.79 -13.45
CA ALA B 169 -11.81 -1.47 -13.90
C ALA B 169 -11.35 -0.84 -15.20
N LYS B 170 -12.30 -0.61 -16.09
CA LYS B 170 -12.02 -0.07 -17.42
C LYS B 170 -11.47 1.31 -17.31
N GLU B 171 -12.05 2.09 -16.41
CA GLU B 171 -11.52 3.42 -16.16
C GLU B 171 -10.12 3.44 -15.61
N VAL B 172 -9.79 2.52 -14.69
CA VAL B 172 -8.42 2.48 -14.16
C VAL B 172 -7.45 2.03 -15.25
N THR B 173 -7.88 1.02 -16.01
CA THR B 173 -7.10 0.52 -17.16
C THR B 173 -6.74 1.66 -18.09
N LEU B 174 -7.74 2.47 -18.46
CA LEU B 174 -7.54 3.61 -19.34
C LEU B 174 -6.61 4.69 -18.70
N ALA B 175 -6.79 4.96 -17.39
CA ALA B 175 -5.91 5.87 -16.66
C ALA B 175 -4.46 5.38 -16.68
N TYR B 176 -4.22 4.11 -16.34
CA TYR B 176 -2.87 3.56 -16.37
C TYR B 176 -2.20 3.75 -17.74
N GLY B 177 -2.92 3.36 -18.80
CA GLY B 177 -2.46 3.45 -20.18
C GLY B 177 -2.07 4.88 -20.45
N GLY B 178 -2.93 5.80 -20.04
CA GLY B 178 -2.66 7.23 -20.07
C GLY B 178 -1.31 7.65 -19.50
N MET B 179 -0.98 7.20 -18.31
CA MET B 179 0.37 7.48 -17.81
C MET B 179 1.40 6.50 -18.37
N GLY C 1 -18.81 9.57 38.99
CA GLY C 1 -17.61 8.89 38.40
C GLY C 1 -17.40 9.18 36.94
N HIS C 2 -16.19 8.94 36.48
CA HIS C 2 -15.79 9.32 35.14
C HIS C 2 -14.75 8.30 34.63
N MET C 3 -14.70 8.11 33.31
CA MET C 3 -13.74 7.22 32.70
C MET C 3 -12.40 7.99 32.54
N SER C 4 -11.69 8.10 33.66
CA SER C 4 -10.47 8.92 33.74
C SER C 4 -9.36 8.22 33.00
N ARG C 5 -8.26 8.95 32.71
N ARG C 5 -8.30 8.98 32.71
CA ARG C 5 -7.12 8.32 32.01
CA ARG C 5 -7.11 8.42 32.09
C ARG C 5 -6.59 7.13 32.82
C ARG C 5 -6.67 7.16 32.82
N ASN C 6 -6.59 7.25 34.15
CA ASN C 6 -6.09 6.08 34.96
C ASN C 6 -7.04 4.86 34.90
N LEU C 7 -8.33 5.06 35.04
CA LEU C 7 -9.29 3.96 34.88
C LEU C 7 -9.17 3.34 33.49
N LEU C 8 -9.02 4.18 32.47
CA LEU C 8 -8.85 3.68 31.10
C LEU C 8 -7.63 2.76 30.97
N ALA C 9 -6.53 3.15 31.62
CA ALA C 9 -5.28 2.36 31.62
C ALA C 9 -5.53 0.97 32.22
N ILE C 10 -6.30 0.97 33.30
CA ILE C 10 -6.68 -0.26 33.98
CA ILE C 10 -6.54 -0.29 33.92
C ILE C 10 -7.61 -1.11 33.15
N VAL C 11 -8.54 -0.44 32.46
CA VAL C 11 -9.60 -1.08 31.65
C VAL C 11 -9.11 -1.66 30.32
N HIS C 12 -8.07 -1.07 29.74
CA HIS C 12 -7.71 -1.50 28.38
C HIS C 12 -7.35 -3.02 28.26
N PRO C 13 -6.52 -3.59 29.19
CA PRO C 13 -6.35 -5.06 29.13
C PRO C 13 -7.63 -5.90 29.22
N ILE C 14 -8.63 -5.42 29.95
CA ILE C 14 -9.88 -6.14 30.07
C ILE C 14 -10.56 -6.15 28.69
N LEU C 15 -10.51 -5.02 27.98
CA LEU C 15 -11.07 -4.95 26.64
C LEU C 15 -10.29 -5.86 25.69
N ARG C 16 -8.97 -5.85 25.82
CA ARG C 16 -8.15 -6.77 24.99
C ARG C 16 -8.52 -8.24 25.20
N ASN C 17 -8.62 -8.63 26.47
CA ASN C 17 -8.99 -9.97 26.79
C ASN C 17 -10.42 -10.30 26.34
N LEU C 18 -11.31 -9.32 26.37
CA LEU C 18 -12.69 -9.60 25.99
C LEU C 18 -12.78 -9.80 24.46
N MET C 19 -12.01 -9.02 23.72
CA MET C 19 -11.90 -9.19 22.25
C MET C 19 -11.41 -10.63 21.94
N GLU C 20 -10.35 -11.06 22.61
CA GLU C 20 -9.82 -12.38 22.36
C GLU C 20 -10.86 -13.46 22.72
N GLU C 21 -11.52 -13.28 23.87
CA GLU C 21 -12.45 -14.31 24.37
C GLU C 21 -13.68 -14.42 23.48
N SER C 22 -14.22 -13.26 23.12
CA SER C 22 -15.42 -13.19 22.27
C SER C 22 -15.15 -13.45 20.78
N GLY C 23 -13.97 -13.02 20.29
CA GLY C 23 -13.61 -13.07 18.88
C GLY C 23 -14.17 -11.88 18.08
N GLU C 24 -14.77 -10.90 18.78
CA GLU C 24 -15.42 -9.73 18.14
C GLU C 24 -14.90 -8.40 18.66
N THR C 25 -15.10 -7.33 17.89
CA THR C 25 -14.69 -5.96 18.31
C THR C 25 -15.40 -5.62 19.63
N VAL C 26 -14.63 -5.01 20.51
CA VAL C 26 -15.02 -4.52 21.84
C VAL C 26 -14.84 -2.98 21.91
N ASN C 27 -15.87 -2.30 22.39
CA ASN C 27 -15.94 -0.86 22.46
C ASN C 27 -16.20 -0.44 23.90
N MET C 28 -15.61 0.68 24.28
CA MET C 28 -15.99 1.38 25.51
C MET C 28 -16.61 2.70 25.11
N ALA C 29 -17.82 2.94 25.59
CA ALA C 29 -18.52 4.19 25.28
C ALA C 29 -18.93 4.98 26.53
N VAL C 30 -19.13 6.29 26.36
CA VAL C 30 -19.60 7.18 27.41
C VAL C 30 -20.70 8.06 26.81
N LEU C 31 -21.40 8.75 27.68
CA LEU C 31 -22.49 9.61 27.28
C LEU C 31 -22.00 10.92 26.70
N ASP C 32 -22.64 11.32 25.62
CA ASP C 32 -22.74 12.75 25.26
C ASP C 32 -24.03 13.14 25.98
N GLN C 33 -25.16 12.90 25.31
CA GLN C 33 -26.47 12.78 25.96
C GLN C 33 -26.86 13.82 27.07
N SER C 34 -27.28 15.06 26.76
CA SER C 34 -26.54 16.06 25.92
C SER C 34 -26.82 16.26 24.40
N ASP C 35 -26.06 15.59 23.51
CA ASP C 35 -26.47 15.44 22.09
C ASP C 35 -27.37 14.22 22.06
N HIS C 36 -27.63 13.69 23.24
CA HIS C 36 -28.39 12.48 23.46
C HIS C 36 -27.82 11.34 22.63
N GLU C 37 -26.51 11.12 22.73
CA GLU C 37 -25.86 9.94 22.11
C GLU C 37 -24.69 9.41 22.97
N ALA C 38 -24.25 8.20 22.67
CA ALA C 38 -23.04 7.66 23.28
C ALA C 38 -21.89 7.91 22.31
N ILE C 39 -20.67 7.96 22.85
CA ILE C 39 -19.50 8.15 22.03
C ILE C 39 -18.47 7.08 22.39
N ILE C 40 -17.85 6.49 21.39
CA ILE C 40 -16.85 5.47 21.62
C ILE C 40 -15.53 6.13 22.03
N ILE C 41 -15.03 5.80 23.21
CA ILE C 41 -13.78 6.39 23.66
C ILE C 41 -12.59 5.43 23.70
N ASP C 42 -12.85 4.14 23.62
CA ASP C 42 -11.77 3.15 23.49
C ASP C 42 -12.33 1.92 22.75
N GLN C 43 -11.43 1.07 22.25
CA GLN C 43 -11.86 -0.08 21.40
C GLN C 43 -10.70 -1.03 21.23
N VAL C 44 -11.01 -2.32 21.14
CA VAL C 44 -10.04 -3.29 20.60
C VAL C 44 -10.81 -4.06 19.51
N GLN C 45 -10.45 -3.85 18.24
CA GLN C 45 -11.13 -4.58 17.18
C GLN C 45 -10.65 -6.00 17.10
N CYS C 46 -11.52 -6.90 16.63
CA CYS C 46 -11.07 -8.26 16.27
C CYS C 46 -10.35 -8.20 14.88
N THR C 47 -9.89 -9.34 14.40
CA THR C 47 -9.12 -9.35 13.14
C THR C 47 -9.91 -9.99 11.99
N HIS C 48 -11.17 -10.38 12.23
CA HIS C 48 -12.02 -10.83 11.11
C HIS C 48 -12.16 -9.83 9.97
N LEU C 49 -12.14 -10.32 8.75
CA LEU C 49 -12.25 -9.47 7.58
C LEU C 49 -13.51 -8.64 7.60
N MET C 50 -14.61 -9.29 7.93
CA MET C 50 -15.90 -8.60 8.07
C MET C 50 -16.12 -8.39 9.55
N ARG C 51 -16.07 -7.13 9.97
CA ARG C 51 -16.23 -6.86 11.45
C ARG C 51 -16.82 -5.50 11.67
N MET C 52 -17.20 -5.23 12.92
CA MET C 52 -17.57 -3.87 13.26
C MET C 52 -16.22 -3.12 13.43
N SER C 53 -16.07 -1.96 12.81
CA SER C 53 -14.80 -1.22 12.82
C SER C 53 -15.07 0.27 12.80
N ALA C 54 -16.18 0.67 13.44
CA ALA C 54 -16.46 2.05 13.69
C ALA C 54 -15.27 2.63 14.46
N PRO C 55 -14.87 3.85 14.18
CA PRO C 55 -13.71 4.46 14.87
C PRO C 55 -14.03 4.99 16.28
N ILE C 56 -12.98 5.12 17.10
CA ILE C 56 -13.07 5.88 18.35
C ILE C 56 -13.51 7.32 17.98
N GLY C 57 -14.39 7.89 18.79
CA GLY C 57 -15.01 9.16 18.46
C GLY C 57 -16.36 9.01 17.74
N GLY C 58 -16.62 7.80 17.23
CA GLY C 58 -17.90 7.48 16.61
C GLY C 58 -19.05 7.59 17.60
N LYS C 59 -20.19 8.04 17.11
CA LYS C 59 -21.39 8.24 17.94
CA LYS C 59 -21.29 8.14 18.03
C LYS C 59 -22.35 7.03 17.81
N LEU C 60 -23.03 6.68 18.87
CA LEU C 60 -24.01 5.57 18.80
C LEU C 60 -25.34 6.02 19.35
N PRO C 61 -26.46 5.58 18.69
CA PRO C 61 -27.76 6.05 19.16
C PRO C 61 -28.22 5.42 20.50
N MET C 62 -28.97 6.22 21.27
CA MET C 62 -29.35 5.72 22.61
C MET C 62 -30.36 4.59 22.52
N HIS C 63 -31.22 4.61 21.50
CA HIS C 63 -32.37 3.68 21.45
C HIS C 63 -32.10 2.43 20.62
N ALA C 64 -30.94 2.41 19.91
CA ALA C 64 -30.77 1.50 18.74
C ALA C 64 -29.42 0.81 18.68
N SER C 65 -28.62 0.97 19.72
CA SER C 65 -27.34 0.29 19.80
C SER C 65 -27.30 -0.42 21.13
N GLY C 66 -26.36 -1.38 21.27
CA GLY C 66 -26.09 -2.08 22.52
C GLY C 66 -25.63 -1.06 23.57
N ALA C 67 -24.57 -0.28 23.28
CA ALA C 67 -24.06 0.70 24.27
C ALA C 67 -25.17 1.69 24.66
N GLY C 68 -25.90 2.18 23.65
CA GLY C 68 -26.96 3.21 23.90
C GLY C 68 -28.05 2.66 24.81
N LYS C 69 -28.59 1.50 24.46
CA LYS C 69 -29.68 0.92 25.24
C LYS C 69 -29.21 0.41 26.63
N ALA C 70 -27.95 -0.06 26.75
CA ALA C 70 -27.36 -0.30 28.11
C ALA C 70 -27.49 0.93 29.03
N PHE C 71 -27.04 2.08 28.54
CA PHE C 71 -27.19 3.33 29.24
C PHE C 71 -28.65 3.65 29.49
N LEU C 72 -29.46 3.58 28.44
CA LEU C 72 -30.88 4.08 28.56
C LEU C 72 -31.68 3.26 29.58
N ALA C 73 -31.41 1.94 29.69
CA ALA C 73 -32.06 1.07 30.69
C ALA C 73 -31.72 1.49 32.13
N GLN C 74 -30.64 2.24 32.30
CA GLN C 74 -30.10 2.63 33.63
C GLN C 74 -30.17 4.08 33.99
N LEU C 75 -30.67 4.94 33.09
CA LEU C 75 -30.70 6.39 33.36
C LEU C 75 -32.00 6.72 34.05
N SER C 76 -32.08 7.92 34.60
CA SER C 76 -33.28 8.34 35.34
C SER C 76 -34.42 8.59 34.36
N GLU C 77 -35.64 8.63 34.90
CA GLU C 77 -36.84 8.88 34.13
C GLU C 77 -36.77 10.20 33.38
N GLU C 78 -36.14 11.19 34.00
CA GLU C 78 -35.98 12.56 33.49
C GLU C 78 -35.13 12.51 32.21
N GLN C 79 -34.08 11.73 32.28
CA GLN C 79 -33.19 11.55 31.12
C GLN C 79 -33.86 10.76 29.99
N VAL C 80 -34.54 9.65 30.32
CA VAL C 80 -35.20 8.86 29.31
C VAL C 80 -36.28 9.68 28.61
N THR C 81 -37.03 10.47 29.41
CA THR C 81 -38.14 11.25 28.84
C THR C 81 -37.60 12.31 27.90
N LYS C 82 -36.50 12.97 28.33
CA LYS C 82 -35.85 13.96 27.50
C LYS C 82 -35.38 13.33 26.19
N LEU C 83 -34.80 12.13 26.27
CA LEU C 83 -34.30 11.44 25.06
C LEU C 83 -35.50 11.16 24.15
N LEU C 84 -36.55 10.57 24.71
CA LEU C 84 -37.72 10.22 23.91
C LEU C 84 -38.31 11.41 23.21
N HIS C 85 -38.45 12.51 23.94
CA HIS C 85 -39.19 13.62 23.40
C HIS C 85 -38.40 14.63 22.62
N ARG C 86 -37.14 14.89 22.99
CA ARG C 86 -36.32 15.89 22.34
C ARG C 86 -35.50 15.33 21.20
N LYS C 87 -35.01 14.12 21.34
CA LYS C 87 -34.08 13.54 20.34
C LYS C 87 -34.93 12.68 19.40
N GLY C 88 -35.77 11.83 19.96
CA GLY C 88 -36.68 11.01 19.16
C GLY C 88 -36.02 9.70 18.74
N LEU C 89 -36.78 8.85 18.05
CA LEU C 89 -36.38 7.45 17.78
C LEU C 89 -36.23 7.18 16.27
N HIS C 90 -35.10 7.60 15.70
CA HIS C 90 -34.84 7.36 14.27
C HIS C 90 -34.88 5.87 13.88
N ALA C 91 -35.55 5.53 12.77
CA ALA C 91 -35.59 4.15 12.29
C ALA C 91 -34.40 3.85 11.39
N TYR C 92 -33.48 3.01 11.88
CA TYR C 92 -32.33 2.65 11.08
C TYR C 92 -32.71 1.52 10.17
N THR C 93 -33.46 0.60 10.75
CA THR C 93 -33.87 -0.63 10.09
C THR C 93 -35.28 -1.02 10.42
N HIS C 94 -35.78 -2.04 9.71
CA HIS C 94 -37.04 -2.70 10.11
C HIS C 94 -37.13 -3.11 11.58
N ALA C 95 -35.97 -3.35 12.25
CA ALA C 95 -35.95 -3.87 13.63
C ALA C 95 -35.85 -2.81 14.74
N THR C 96 -35.47 -1.60 14.38
CA THR C 96 -35.26 -0.50 15.32
C THR C 96 -36.54 -0.28 16.12
N LEU C 97 -36.39 -0.19 17.41
CA LEU C 97 -37.48 0.10 18.31
C LEU C 97 -37.85 1.61 18.24
N VAL C 98 -39.00 1.89 17.62
CA VAL C 98 -39.37 3.28 17.33
C VAL C 98 -40.66 3.64 18.04
N SER C 99 -41.27 2.66 18.68
CA SER C 99 -42.39 2.89 19.57
C SER C 99 -41.86 2.97 21.02
N PRO C 100 -42.21 4.06 21.76
CA PRO C 100 -41.79 4.19 23.15
C PRO C 100 -42.22 2.97 23.99
N VAL C 101 -43.41 2.41 23.73
CA VAL C 101 -43.84 1.21 24.48
C VAL C 101 -42.92 0.00 24.26
N HIS C 102 -42.60 -0.26 22.99
CA HIS C 102 -41.72 -1.35 22.65
C HIS C 102 -40.30 -1.09 23.21
N LEU C 103 -39.82 0.14 23.06
CA LEU C 103 -38.49 0.50 23.64
C LEU C 103 -38.45 0.32 25.15
N LYS C 104 -39.46 0.83 25.84
CA LYS C 104 -39.48 0.72 27.30
C LYS C 104 -39.47 -0.76 27.78
N GLU C 105 -40.15 -1.63 27.06
CA GLU C 105 -40.19 -3.03 27.42
C GLU C 105 -38.83 -3.67 27.22
N ASP C 106 -38.17 -3.32 26.11
CA ASP C 106 -36.82 -3.80 25.83
C ASP C 106 -35.88 -3.38 26.95
N LEU C 107 -35.99 -2.10 27.39
CA LEU C 107 -35.18 -1.60 28.50
C LEU C 107 -35.45 -2.31 29.81
N ALA C 108 -36.73 -2.61 30.09
CA ALA C 108 -37.10 -3.49 31.23
C ALA C 108 -36.38 -4.86 31.18
N GLN C 109 -36.51 -5.55 30.05
CA GLN C 109 -35.83 -6.83 29.76
C GLN C 109 -34.31 -6.70 29.93
N THR C 110 -33.78 -5.56 29.50
CA THR C 110 -32.33 -5.25 29.66
C THR C 110 -31.89 -5.21 31.14
N ARG C 111 -32.62 -4.50 31.99
CA ARG C 111 -32.28 -4.42 33.41
C ARG C 111 -32.38 -5.85 33.98
N LYS C 112 -33.40 -6.57 33.53
CA LYS C 112 -33.67 -7.91 34.06
C LYS C 112 -32.52 -8.87 33.80
N ARG C 113 -32.10 -8.97 32.53
CA ARG C 113 -31.02 -9.86 32.15
C ARG C 113 -29.61 -9.32 32.45
N GLY C 114 -29.47 -8.00 32.62
CA GLY C 114 -28.17 -7.42 33.00
C GLY C 114 -27.33 -7.03 31.78
N TYR C 115 -27.91 -7.14 30.59
CA TYR C 115 -27.24 -6.69 29.37
C TYR C 115 -28.21 -6.28 28.28
N SER C 116 -27.77 -5.33 27.44
CA SER C 116 -28.61 -4.90 26.32
C SER C 116 -28.22 -5.75 25.13
N PHE C 117 -29.10 -5.78 24.15
CA PHE C 117 -28.90 -6.56 22.94
C PHE C 117 -29.50 -5.74 21.78
N ASP C 118 -28.60 -5.29 20.90
CA ASP C 118 -28.97 -4.67 19.63
C ASP C 118 -28.97 -5.78 18.58
N ASP C 119 -30.19 -6.13 18.12
CA ASP C 119 -30.37 -7.17 17.13
C ASP C 119 -30.76 -6.61 15.78
N GLU C 120 -29.73 -6.20 15.05
CA GLU C 120 -29.88 -5.51 13.76
C GLU C 120 -30.79 -4.25 13.81
N GLU C 121 -30.80 -3.57 14.95
CA GLU C 121 -31.50 -2.32 15.19
C GLU C 121 -30.79 -1.08 14.72
N HIS C 122 -29.45 -1.14 14.68
CA HIS C 122 -28.62 -0.03 14.18
C HIS C 122 -28.26 -0.21 12.73
N ALA C 123 -27.95 -1.44 12.34
CA ALA C 123 -27.51 -1.71 10.96
C ALA C 123 -27.82 -3.16 10.62
N LEU C 124 -28.12 -3.38 9.34
CA LEU C 124 -28.45 -4.75 8.89
C LEU C 124 -27.26 -5.62 9.05
N GLY C 125 -27.45 -6.80 9.64
CA GLY C 125 -26.37 -7.77 9.75
C GLY C 125 -25.51 -7.58 10.99
N LEU C 126 -25.76 -6.51 11.75
CA LEU C 126 -24.91 -6.18 12.93
C LEU C 126 -25.64 -6.44 14.25
N ARG C 127 -24.97 -7.15 15.16
CA ARG C 127 -25.42 -7.32 16.54
C ARG C 127 -24.47 -6.74 17.55
N CYS C 128 -24.98 -6.32 18.69
CA CYS C 128 -24.13 -5.87 19.79
C CYS C 128 -24.77 -6.25 21.09
N LEU C 129 -23.91 -6.52 22.05
CA LEU C 129 -24.33 -6.78 23.45
C LEU C 129 -23.56 -5.84 24.35
N ALA C 130 -24.21 -5.28 25.38
CA ALA C 130 -23.52 -4.35 26.21
C ALA C 130 -23.95 -4.36 27.67
N ALA C 131 -23.09 -3.85 28.52
CA ALA C 131 -23.45 -3.64 29.93
C ALA C 131 -22.84 -2.32 30.44
N CYS C 132 -23.46 -1.72 31.47
CA CYS C 132 -22.95 -0.49 32.05
C CYS C 132 -21.95 -0.68 33.16
N ILE C 133 -21.13 0.36 33.31
CA ILE C 133 -20.17 0.54 34.39
C ILE C 133 -20.72 1.60 35.34
N PHE C 134 -20.75 1.29 36.65
CA PHE C 134 -21.47 2.12 37.66
C PHE C 134 -20.55 2.83 38.66
N ASP C 135 -20.88 4.06 39.05
CA ASP C 135 -20.12 4.73 40.12
C ASP C 135 -20.76 4.54 41.53
N GLU C 136 -20.24 5.26 42.51
CA GLU C 136 -20.71 5.14 43.88
C GLU C 136 -22.16 5.64 44.08
N HIS C 137 -22.69 6.37 43.09
CA HIS C 137 -24.09 6.83 43.10
C HIS C 137 -25.01 5.83 42.41
N ARG C 138 -24.43 4.71 41.98
CA ARG C 138 -25.15 3.71 41.23
C ARG C 138 -25.62 4.29 39.90
N GLU C 139 -24.89 5.30 39.38
CA GLU C 139 -25.18 5.82 38.04
C GLU C 139 -24.22 5.25 36.98
N PRO C 140 -24.77 4.92 35.78
CA PRO C 140 -23.89 4.39 34.72
C PRO C 140 -23.04 5.55 34.18
N PHE C 141 -21.74 5.35 34.07
CA PHE C 141 -20.91 6.40 33.47
C PHE C 141 -20.08 5.91 32.26
N ALA C 142 -20.23 4.64 31.93
CA ALA C 142 -19.63 4.06 30.73
C ALA C 142 -20.33 2.73 30.45
N ALA C 143 -20.11 2.20 29.25
CA ALA C 143 -20.71 0.94 28.85
C ALA C 143 -19.71 0.21 27.92
N ILE C 144 -19.56 -1.09 28.08
CA ILE C 144 -18.73 -1.87 27.18
C ILE C 144 -19.70 -2.57 26.23
N SER C 145 -19.39 -2.56 24.93
CA SER C 145 -20.20 -3.37 23.99
C SER C 145 -19.28 -4.31 23.21
N ILE C 146 -19.84 -5.44 22.80
CA ILE C 146 -19.21 -6.42 21.88
C ILE C 146 -20.09 -6.36 20.63
N SER C 147 -19.47 -6.19 19.46
CA SER C 147 -20.22 -5.80 18.27
C SER C 147 -19.71 -6.68 17.16
N GLY C 148 -20.60 -7.28 16.37
CA GLY C 148 -20.10 -8.10 15.24
C GLY C 148 -21.23 -8.58 14.37
N PRO C 149 -20.89 -9.26 13.27
CA PRO C 149 -21.88 -9.74 12.33
C PRO C 149 -22.70 -10.91 12.86
N ILE C 150 -23.92 -10.97 12.38
CA ILE C 150 -24.82 -12.06 12.64
C ILE C 150 -24.29 -13.39 12.09
N SER C 151 -23.40 -13.36 11.09
CA SER C 151 -22.75 -14.62 10.61
C SER C 151 -22.04 -15.33 11.76
N ARG C 152 -21.56 -14.56 12.75
CA ARG C 152 -20.77 -15.10 13.84
C ARG C 152 -21.44 -14.98 15.19
N ILE C 153 -22.14 -13.85 15.41
CA ILE C 153 -22.87 -13.67 16.65
C ILE C 153 -24.26 -14.30 16.37
N THR C 154 -24.28 -15.62 16.48
CA THR C 154 -25.47 -16.38 16.08
C THR C 154 -26.38 -16.49 17.30
N ASP C 155 -27.64 -16.91 17.11
CA ASP C 155 -28.58 -16.94 18.22
C ASP C 155 -28.11 -17.73 19.42
N ASP C 156 -27.47 -18.86 19.15
CA ASP C 156 -26.98 -19.75 20.23
C ASP C 156 -25.81 -19.16 21.00
N ARG C 157 -25.26 -18.04 20.54
CA ARG C 157 -24.14 -17.37 21.28
C ARG C 157 -24.56 -16.13 22.06
N VAL C 158 -25.79 -15.64 21.88
CA VAL C 158 -26.17 -14.34 22.49
C VAL C 158 -26.04 -14.32 24.02
N THR C 159 -26.59 -15.34 24.71
CA THR C 159 -26.50 -15.38 26.15
C THR C 159 -25.05 -15.44 26.61
N GLU C 160 -24.23 -16.18 25.86
CA GLU C 160 -22.80 -16.24 26.17
C GLU C 160 -22.12 -14.87 26.01
N PHE C 161 -22.40 -14.16 24.93
CA PHE C 161 -21.87 -12.75 24.80
C PHE C 161 -22.39 -11.83 25.93
N GLY C 162 -23.66 -12.01 26.30
CA GLY C 162 -24.27 -11.31 27.43
C GLY C 162 -23.47 -11.53 28.72
N ALA C 163 -23.14 -12.79 28.99
CA ALA C 163 -22.37 -13.12 30.22
C ALA C 163 -20.97 -12.51 30.15
N MET C 164 -20.35 -12.58 28.97
CA MET C 164 -19.01 -11.98 28.80
C MET C 164 -18.98 -10.48 29.09
N VAL C 165 -19.99 -9.78 28.62
CA VAL C 165 -19.98 -8.34 28.73
C VAL C 165 -20.36 -7.92 30.17
N ILE C 166 -21.28 -8.66 30.79
CA ILE C 166 -21.56 -8.46 32.22
C ILE C 166 -20.29 -8.52 33.06
N LYS C 167 -19.48 -9.54 32.80
CA LYS C 167 -18.29 -9.82 33.60
C LYS C 167 -17.31 -8.70 33.38
N ALA C 168 -17.05 -8.33 32.13
CA ALA C 168 -16.11 -7.21 31.88
C ALA C 168 -16.55 -5.89 32.50
N ALA C 169 -17.83 -5.52 32.31
CA ALA C 169 -18.41 -4.33 32.95
C ALA C 169 -18.25 -4.43 34.48
N LYS C 170 -18.56 -5.58 35.06
CA LYS C 170 -18.37 -5.78 36.53
C LYS C 170 -16.92 -5.49 36.95
N GLU C 171 -15.96 -6.06 36.22
CA GLU C 171 -14.55 -5.83 36.52
C GLU C 171 -14.20 -4.37 36.54
N VAL C 172 -14.76 -3.64 35.60
CA VAL C 172 -14.48 -2.20 35.51
C VAL C 172 -15.16 -1.42 36.68
N THR C 173 -16.38 -1.79 37.01
CA THR C 173 -17.13 -1.18 38.12
C THR C 173 -16.38 -1.43 39.40
N LEU C 174 -15.93 -2.66 39.59
CA LEU C 174 -15.11 -2.97 40.76
C LEU C 174 -13.75 -2.21 40.77
N ALA C 175 -13.11 -2.04 39.61
CA ALA C 175 -11.81 -1.30 39.51
C ALA C 175 -12.01 0.16 39.90
N TYR C 176 -13.09 0.75 39.42
CA TYR C 176 -13.52 2.10 39.82
C TYR C 176 -13.72 2.18 41.37
N GLY C 177 -14.48 1.24 41.93
CA GLY C 177 -14.65 1.20 43.39
C GLY C 177 -13.30 1.14 44.14
N GLY C 178 -12.34 0.37 43.61
CA GLY C 178 -10.99 0.25 44.25
C GLY C 178 -10.23 1.57 44.21
N MET C 179 -10.29 2.25 43.07
CA MET C 179 -9.69 3.59 42.92
C MET C 179 -10.25 4.58 43.90
N ARG C 180 -11.57 4.53 44.03
CA ARG C 180 -12.22 5.49 44.89
C ARG C 180 -11.89 5.19 46.35
N GLY C 181 -11.65 3.91 46.69
CA GLY C 181 -11.39 3.54 48.07
C GLY C 181 -9.91 3.46 48.37
N SER C 182 -9.10 4.18 47.56
CA SER C 182 -7.64 4.20 47.70
C SER C 182 -7.10 5.58 47.28
N GLY D 1 11.55 14.93 -41.02
CA GLY D 1 10.86 13.67 -40.64
C GLY D 1 10.73 13.55 -39.13
N HIS D 2 9.72 12.83 -38.67
CA HIS D 2 9.49 12.62 -37.24
C HIS D 2 8.44 11.53 -36.96
N MET D 3 8.18 11.31 -35.68
CA MET D 3 7.15 10.38 -35.14
C MET D 3 5.93 11.17 -34.69
N SER D 4 4.68 10.68 -34.77
CA SER D 4 4.06 9.50 -35.47
C SER D 4 3.60 8.26 -34.63
N ARG D 5 2.29 8.08 -34.56
CA ARG D 5 1.71 7.09 -33.69
C ARG D 5 2.05 5.65 -34.08
N ASN D 6 2.02 5.38 -35.37
CA ASN D 6 2.40 4.06 -35.88
C ASN D 6 3.91 3.86 -35.71
N LEU D 7 4.65 4.97 -35.73
CA LEU D 7 6.10 4.90 -35.58
C LEU D 7 6.41 4.61 -34.10
N LEU D 8 5.73 5.33 -33.21
CA LEU D 8 5.89 5.10 -31.76
C LEU D 8 5.53 3.67 -31.43
N ALA D 9 4.49 3.15 -32.09
CA ALA D 9 4.08 1.75 -31.94
C ALA D 9 5.15 0.73 -32.31
N ILE D 10 5.86 0.96 -33.43
CA ILE D 10 7.12 0.24 -33.78
C ILE D 10 8.26 0.44 -32.80
N VAL D 11 8.45 1.67 -32.37
CA VAL D 11 9.51 1.98 -31.46
C VAL D 11 9.31 1.24 -30.16
N HIS D 12 8.09 1.19 -29.65
CA HIS D 12 7.94 0.69 -28.30
C HIS D 12 8.54 -0.71 -28.04
N PRO D 13 8.22 -1.74 -28.87
CA PRO D 13 8.82 -3.05 -28.57
C PRO D 13 10.36 -3.06 -28.72
N ILE D 14 10.91 -2.19 -29.57
CA ILE D 14 12.38 -2.01 -29.64
C ILE D 14 12.96 -1.52 -28.31
N LEU D 15 12.28 -0.55 -27.70
CA LEU D 15 12.64 -0.11 -26.37
C LEU D 15 12.50 -1.21 -25.34
N ARG D 16 11.39 -1.97 -25.38
CA ARG D 16 11.17 -3.11 -24.47
C ARG D 16 12.33 -4.13 -24.54
N ASN D 17 12.68 -4.55 -25.75
CA ASN D 17 13.77 -5.48 -25.97
C ASN D 17 15.13 -4.96 -25.50
N LEU D 18 15.36 -3.65 -25.68
CA LEU D 18 16.58 -3.02 -25.22
C LEU D 18 16.69 -2.96 -23.67
N MET D 19 15.57 -2.71 -23.00
CA MET D 19 15.55 -2.75 -21.54
C MET D 19 15.97 -4.17 -21.11
N GLU D 20 15.38 -5.17 -21.74
CA GLU D 20 15.56 -6.56 -21.36
C GLU D 20 17.03 -6.96 -21.62
N GLU D 21 17.55 -6.52 -22.76
CA GLU D 21 18.94 -6.79 -23.08
C GLU D 21 19.96 -6.06 -22.20
N SER D 22 19.70 -4.79 -21.90
CA SER D 22 20.68 -4.01 -21.16
C SER D 22 20.49 -4.18 -19.65
N GLY D 23 19.27 -4.56 -19.24
CA GLY D 23 18.94 -4.55 -17.80
C GLY D 23 18.69 -3.18 -17.21
N GLU D 24 18.65 -2.13 -18.04
CA GLU D 24 18.41 -0.79 -17.53
C GLU D 24 17.23 -0.09 -18.20
N THR D 25 16.80 1.00 -17.56
CA THR D 25 15.79 1.90 -18.15
C THR D 25 16.26 2.42 -19.50
N VAL D 26 15.33 2.45 -20.43
CA VAL D 26 15.54 2.99 -21.77
C VAL D 26 14.54 4.11 -22.04
N ASN D 27 15.05 5.15 -22.68
CA ASN D 27 14.29 6.33 -23.00
C ASN D 27 14.33 6.60 -24.49
N MET D 28 13.29 7.21 -25.02
CA MET D 28 13.37 7.80 -26.34
C MET D 28 13.04 9.29 -26.19
N ALA D 29 13.84 10.15 -26.80
CA ALA D 29 13.69 11.59 -26.67
C ALA D 29 13.72 12.26 -28.02
N VAL D 30 13.09 13.43 -28.07
CA VAL D 30 13.17 14.32 -29.24
C VAL D 30 13.79 15.64 -28.83
N LEU D 31 14.25 16.39 -29.81
CA LEU D 31 14.96 17.60 -29.56
C LEU D 31 14.05 18.84 -29.53
N ASP D 32 14.20 19.63 -28.47
CA ASP D 32 13.59 20.96 -28.36
C ASP D 32 14.50 21.95 -29.09
N GLN D 33 14.01 22.43 -30.23
CA GLN D 33 14.79 23.31 -31.15
C GLN D 33 15.35 24.62 -30.57
N SER D 34 14.80 25.09 -29.46
CA SER D 34 15.69 25.60 -28.41
C SER D 34 14.96 25.73 -27.11
N ASP D 35 15.59 25.32 -26.00
CA ASP D 35 16.99 25.16 -25.61
C ASP D 35 17.96 24.00 -26.07
N HIS D 36 17.61 23.21 -27.09
CA HIS D 36 18.38 22.02 -27.49
C HIS D 36 18.51 20.97 -26.37
N GLU D 37 17.54 20.99 -25.45
CA GLU D 37 17.36 19.93 -24.49
C GLU D 37 16.61 18.78 -25.15
N ALA D 38 16.78 17.60 -24.62
CA ALA D 38 16.08 16.43 -25.14
C ALA D 38 14.84 16.13 -24.27
N ILE D 39 13.67 16.07 -24.89
CA ILE D 39 12.47 15.75 -24.12
CA ILE D 39 12.42 15.78 -24.21
C ILE D 39 12.10 14.30 -24.29
N ILE D 40 11.96 13.63 -23.14
CA ILE D 40 11.58 12.22 -23.09
C ILE D 40 10.14 12.04 -23.57
N ILE D 41 9.98 11.24 -24.64
CA ILE D 41 8.65 10.94 -25.21
C ILE D 41 8.14 9.52 -24.96
N ASP D 42 9.06 8.59 -24.70
CA ASP D 42 8.68 7.23 -24.35
C ASP D 42 9.79 6.67 -23.48
N GLN D 43 9.47 5.60 -22.76
CA GLN D 43 10.41 5.03 -21.78
C GLN D 43 9.95 3.63 -21.45
N VAL D 44 10.91 2.72 -21.29
CA VAL D 44 10.64 1.45 -20.67
C VAL D 44 11.59 1.25 -19.51
N GLN D 45 11.07 1.22 -18.29
CA GLN D 45 11.95 1.14 -17.12
C GLN D 45 12.32 -0.30 -16.88
N CYS D 46 13.51 -0.50 -16.32
CA CYS D 46 13.89 -1.82 -15.83
C CYS D 46 13.17 -2.07 -14.50
N THR D 47 13.36 -3.27 -13.97
CA THR D 47 12.72 -3.62 -12.73
C THR D 47 13.64 -3.62 -11.50
N HIS D 48 14.88 -3.14 -11.63
CA HIS D 48 15.77 -2.99 -10.49
C HIS D 48 15.20 -2.00 -9.49
N LEU D 49 15.38 -2.28 -8.20
CA LEU D 49 14.91 -1.32 -7.15
C LEU D 49 15.44 0.11 -7.33
N MET D 50 16.76 0.22 -7.50
N MET D 50 16.73 0.23 -7.59
CA MET D 50 17.46 1.47 -7.84
CA MET D 50 17.34 1.53 -7.76
C MET D 50 17.53 1.51 -9.35
C MET D 50 17.69 1.65 -9.26
N ARG D 51 17.05 2.60 -9.95
CA ARG D 51 17.14 2.70 -11.43
C ARG D 51 16.83 4.13 -11.86
N MET D 52 17.10 4.43 -13.14
CA MET D 52 16.72 5.73 -13.71
C MET D 52 15.18 5.73 -13.94
N SER D 53 14.54 6.79 -13.45
CA SER D 53 13.08 6.92 -13.51
C SER D 53 12.67 8.36 -13.75
N ALA D 54 13.39 9.05 -14.62
CA ALA D 54 12.94 10.34 -15.14
C ALA D 54 11.52 10.18 -15.71
N PRO D 55 10.67 11.21 -15.55
CA PRO D 55 9.29 11.18 -16.06
C PRO D 55 9.19 11.39 -17.58
N ILE D 56 8.16 10.80 -18.22
CA ILE D 56 7.84 11.17 -19.61
C ILE D 56 7.50 12.66 -19.67
N GLY D 57 8.05 13.36 -20.67
CA GLY D 57 7.98 14.80 -20.79
C GLY D 57 9.12 15.50 -20.02
N GLY D 58 9.88 14.75 -19.23
CA GLY D 58 11.11 15.27 -18.59
C GLY D 58 12.12 15.74 -19.63
N LYS D 59 12.95 16.71 -19.27
CA LYS D 59 13.93 17.25 -20.18
C LYS D 59 15.35 16.98 -19.73
N LEU D 60 16.19 16.52 -20.66
CA LEU D 60 17.59 16.25 -20.36
C LEU D 60 18.45 17.35 -20.97
N PRO D 61 19.50 17.77 -20.25
CA PRO D 61 20.31 18.90 -20.67
C PRO D 61 21.10 18.69 -21.98
N MET D 62 21.32 19.78 -22.71
CA MET D 62 21.96 19.74 -24.00
C MET D 62 23.40 19.18 -23.90
N HIS D 63 24.18 19.68 -22.95
CA HIS D 63 25.62 19.46 -22.92
C HIS D 63 25.99 18.35 -21.96
N ALA D 64 24.99 17.79 -21.27
CA ALA D 64 25.27 17.04 -20.03
C ALA D 64 24.51 15.72 -19.85
N SER D 65 23.76 15.29 -20.88
CA SER D 65 23.08 14.00 -20.88
C SER D 65 23.49 13.20 -22.11
N GLY D 66 23.24 11.90 -22.07
CA GLY D 66 23.46 11.07 -23.26
C GLY D 66 22.63 11.59 -24.42
N ALA D 67 21.33 11.78 -24.21
CA ALA D 67 20.42 12.13 -25.32
C ALA D 67 20.79 13.52 -25.85
N GLY D 68 21.06 14.48 -24.92
CA GLY D 68 21.42 15.86 -25.29
C GLY D 68 22.69 15.88 -26.14
N LYS D 69 23.76 15.21 -25.69
CA LYS D 69 25.02 15.19 -26.41
C LYS D 69 24.96 14.41 -27.72
N ALA D 70 24.16 13.34 -27.77
CA ALA D 70 23.94 12.60 -29.04
C ALA D 70 23.42 13.60 -30.12
N PHE D 71 22.40 14.39 -29.80
CA PHE D 71 21.84 15.37 -30.74
C PHE D 71 22.91 16.40 -31.08
N LEU D 72 23.49 16.97 -30.03
CA LEU D 72 24.50 18.00 -30.20
C LEU D 72 25.67 17.55 -31.08
N ALA D 73 26.07 16.29 -30.97
CA ALA D 73 27.17 15.73 -31.79
C ALA D 73 26.92 15.77 -33.31
N GLN D 74 25.66 15.91 -33.72
CA GLN D 74 25.33 15.93 -35.14
C GLN D 74 25.47 17.32 -35.75
N LEU D 75 25.69 18.32 -34.91
CA LEU D 75 25.71 19.72 -35.40
C LEU D 75 27.13 20.08 -35.84
N SER D 76 27.28 21.13 -36.67
CA SER D 76 28.60 21.57 -37.13
C SER D 76 29.34 22.26 -35.98
N GLU D 77 30.66 22.41 -36.13
CA GLU D 77 31.50 23.23 -35.23
C GLU D 77 30.90 24.58 -34.89
N GLU D 78 30.50 25.33 -35.93
CA GLU D 78 30.04 26.70 -35.73
C GLU D 78 28.67 26.71 -35.12
N GLN D 79 27.85 25.74 -35.49
CA GLN D 79 26.56 25.63 -34.85
C GLN D 79 26.71 25.40 -33.35
N VAL D 80 27.63 24.55 -32.95
CA VAL D 80 27.79 24.28 -31.52
C VAL D 80 28.46 25.51 -30.85
N THR D 81 29.46 26.09 -31.48
CA THR D 81 30.06 27.36 -30.93
C THR D 81 28.99 28.43 -30.63
N LYS D 82 28.02 28.57 -31.53
CA LYS D 82 26.91 29.50 -31.35
C LYS D 82 25.96 29.12 -30.24
N LEU D 83 25.61 27.83 -30.14
CA LEU D 83 24.76 27.38 -29.05
C LEU D 83 25.46 27.49 -27.72
N LEU D 84 26.73 27.13 -27.65
CA LEU D 84 27.43 27.28 -26.36
C LEU D 84 27.57 28.76 -25.97
N HIS D 85 27.78 29.61 -26.97
CA HIS D 85 27.85 31.07 -26.74
C HIS D 85 26.55 31.60 -26.14
N ARG D 86 25.44 30.98 -26.52
N ARG D 86 25.45 30.95 -26.51
CA ARG D 86 24.12 31.47 -26.13
CA ARG D 86 24.08 31.37 -26.26
C ARG D 86 23.65 30.92 -24.78
C ARG D 86 23.54 30.89 -24.90
N LYS D 87 23.76 29.60 -24.61
CA LYS D 87 23.12 28.89 -23.48
C LYS D 87 24.03 28.74 -22.26
N GLY D 88 25.33 28.72 -22.50
CA GLY D 88 26.28 28.47 -21.44
C GLY D 88 26.27 26.99 -21.09
N LEU D 89 27.01 26.65 -20.05
CA LEU D 89 27.26 25.26 -19.69
C LEU D 89 27.14 25.09 -18.17
N HIS D 90 25.91 24.95 -17.72
CA HIS D 90 25.58 24.75 -16.34
C HIS D 90 26.26 23.51 -15.81
N ALA D 91 26.90 23.62 -14.65
CA ALA D 91 27.64 22.48 -14.09
C ALA D 91 26.70 21.73 -13.15
N TYR D 92 26.26 20.56 -13.58
CA TYR D 92 25.39 19.73 -12.73
C TYR D 92 26.17 19.03 -11.63
N THR D 93 27.40 18.68 -11.95
CA THR D 93 28.27 17.83 -11.14
C THR D 93 29.69 18.24 -11.41
N HIS D 94 30.63 17.75 -10.62
CA HIS D 94 32.06 17.96 -10.94
C HIS D 94 32.55 17.32 -12.25
N ALA D 95 31.77 16.38 -12.84
CA ALA D 95 32.16 15.74 -14.13
C ALA D 95 31.57 16.45 -15.37
N THR D 96 30.59 17.33 -15.16
CA THR D 96 29.92 18.03 -16.28
C THR D 96 31.01 18.66 -17.14
N LEU D 97 30.84 18.62 -18.46
CA LEU D 97 31.78 19.27 -19.36
C LEU D 97 31.33 20.74 -19.49
N VAL D 98 32.12 21.61 -18.88
CA VAL D 98 31.83 23.04 -18.83
C VAL D 98 32.84 23.82 -19.71
N SER D 99 33.86 23.15 -20.19
CA SER D 99 34.78 23.73 -21.19
C SER D 99 34.34 23.41 -22.64
N PRO D 100 34.16 24.43 -23.51
CA PRO D 100 33.87 24.15 -24.94
C PRO D 100 34.84 23.22 -25.61
N VAL D 101 36.13 23.37 -25.36
CA VAL D 101 37.09 22.47 -25.99
C VAL D 101 36.86 21.04 -25.52
N HIS D 102 36.65 20.84 -24.22
CA HIS D 102 36.39 19.48 -23.71
C HIS D 102 35.10 18.89 -24.26
N LEU D 103 34.05 19.70 -24.28
CA LEU D 103 32.76 19.26 -24.82
C LEU D 103 32.91 18.89 -26.29
N LYS D 104 33.49 19.79 -27.10
CA LYS D 104 33.66 19.53 -28.53
C LYS D 104 34.51 18.30 -28.79
N GLU D 105 35.56 18.09 -27.97
CA GLU D 105 36.31 16.83 -28.05
C GLU D 105 35.43 15.55 -27.82
N ASP D 106 34.63 15.61 -26.78
CA ASP D 106 33.69 14.52 -26.46
C ASP D 106 32.68 14.29 -27.60
N LEU D 107 32.17 15.37 -28.20
CA LEU D 107 31.28 15.26 -29.37
C LEU D 107 31.98 14.57 -30.54
N ALA D 108 33.24 14.93 -30.78
CA ALA D 108 34.08 14.31 -31.83
C ALA D 108 34.22 12.81 -31.62
N GLN D 109 34.52 12.41 -30.38
N GLN D 109 34.55 12.42 -30.38
CA GLN D 109 34.60 10.99 -30.01
CA GLN D 109 34.56 11.01 -29.93
C GLN D 109 33.25 10.28 -30.06
C GLN D 109 33.24 10.34 -30.21
N THR D 110 32.17 11.02 -29.80
CA THR D 110 30.79 10.51 -29.91
C THR D 110 30.50 10.13 -31.37
N ARG D 111 30.84 11.03 -32.30
CA ARG D 111 30.65 10.73 -33.74
C ARG D 111 31.48 9.50 -34.14
N LYS D 112 32.70 9.44 -33.65
CA LYS D 112 33.63 8.39 -34.00
C LYS D 112 33.15 7.03 -33.52
N ARG D 113 32.66 6.95 -32.27
CA ARG D 113 32.31 5.63 -31.71
C ARG D 113 30.84 5.24 -31.98
N GLY D 114 30.04 6.21 -32.36
CA GLY D 114 28.63 5.95 -32.70
C GLY D 114 27.63 6.07 -31.56
N TYR D 115 28.12 6.44 -30.38
CA TYR D 115 27.23 6.65 -29.22
C TYR D 115 27.77 7.77 -28.35
N SER D 116 26.87 8.51 -27.68
CA SER D 116 27.28 9.47 -26.66
C SER D 116 27.32 8.71 -25.30
N PHE D 117 28.07 9.28 -24.36
CA PHE D 117 28.26 8.64 -23.05
C PHE D 117 28.26 9.76 -22.01
N ASP D 118 27.24 9.76 -21.17
CA ASP D 118 27.12 10.65 -20.01
C ASP D 118 27.69 9.90 -18.80
N ASP D 119 28.87 10.35 -18.37
CA ASP D 119 29.62 9.73 -17.29
C ASP D 119 29.50 10.56 -16.01
N GLU D 120 28.33 10.43 -15.37
CA GLU D 120 28.02 11.22 -14.18
C GLU D 120 28.08 12.72 -14.43
N GLU D 121 27.76 13.13 -15.64
CA GLU D 121 27.73 14.54 -16.01
C GLU D 121 26.40 15.25 -15.68
N HIS D 122 25.30 14.51 -15.58
CA HIS D 122 24.00 15.09 -15.29
C HIS D 122 23.73 14.92 -13.82
N ALA D 123 24.09 13.75 -13.29
CA ALA D 123 23.89 13.47 -11.85
C ALA D 123 24.93 12.46 -11.36
N LEU D 124 25.38 12.61 -10.10
CA LEU D 124 26.33 11.67 -9.51
C LEU D 124 25.80 10.25 -9.48
N GLY D 125 26.62 9.26 -9.85
CA GLY D 125 26.17 7.88 -9.83
C GLY D 125 25.32 7.46 -11.04
N LEU D 126 25.03 8.41 -11.94
CA LEU D 126 24.17 8.13 -13.15
C LEU D 126 24.98 8.12 -14.46
N ARG D 127 24.84 7.04 -15.23
CA ARG D 127 25.44 6.97 -16.57
C ARG D 127 24.38 6.79 -17.63
N CYS D 128 24.62 7.32 -18.83
CA CYS D 128 23.72 7.05 -19.95
C CYS D 128 24.53 6.91 -21.23
N LEU D 129 23.99 6.11 -22.13
CA LEU D 129 24.62 5.90 -23.46
C LEU D 129 23.50 6.17 -24.45
N ALA D 130 23.77 6.89 -25.54
CA ALA D 130 22.68 7.25 -26.44
C ALA D 130 23.12 7.25 -27.90
N ALA D 131 22.14 7.10 -28.78
CA ALA D 131 22.43 7.26 -30.22
C ALA D 131 21.20 7.88 -30.91
N CYS D 132 21.46 8.72 -31.92
CA CYS D 132 20.40 9.42 -32.65
C CYS D 132 19.74 8.54 -33.69
N ILE D 133 18.50 8.93 -34.03
CA ILE D 133 17.71 8.31 -35.08
C ILE D 133 17.52 9.36 -36.18
N PHE D 134 17.71 8.96 -37.44
CA PHE D 134 17.79 9.89 -38.55
C PHE D 134 16.72 9.70 -39.59
N ASP D 135 16.31 10.83 -40.16
CA ASP D 135 15.32 10.87 -41.23
C ASP D 135 16.03 10.83 -42.60
N GLU D 136 15.27 11.04 -43.67
CA GLU D 136 15.81 10.99 -45.02
C GLU D 136 16.73 12.15 -45.37
N HIS D 137 16.70 13.22 -44.57
CA HIS D 137 17.61 14.35 -44.73
C HIS D 137 18.83 14.31 -43.82
N ARG D 138 19.10 13.12 -43.27
CA ARG D 138 20.06 12.88 -42.19
C ARG D 138 19.91 13.85 -40.99
N GLU D 139 18.70 14.32 -40.75
CA GLU D 139 18.40 15.11 -39.56
C GLU D 139 18.16 14.12 -38.40
N PRO D 140 18.78 14.34 -37.21
CA PRO D 140 18.45 13.45 -36.08
C PRO D 140 17.11 13.89 -35.49
N PHE D 141 16.06 13.08 -35.61
CA PHE D 141 14.78 13.54 -35.13
C PHE D 141 14.39 12.89 -33.77
N ALA D 142 15.19 11.90 -33.36
CA ALA D 142 15.00 11.32 -32.04
C ALA D 142 16.31 10.69 -31.57
N ALA D 143 16.39 10.30 -30.31
CA ALA D 143 17.58 9.62 -29.78
C ALA D 143 17.07 8.58 -28.76
N ILE D 144 17.72 7.42 -28.74
CA ILE D 144 17.43 6.47 -27.66
C ILE D 144 18.57 6.54 -26.66
N SER D 145 18.26 6.49 -25.37
CA SER D 145 19.30 6.34 -24.35
C SER D 145 19.00 5.15 -23.42
N ILE D 146 20.07 4.59 -22.91
CA ILE D 146 20.04 3.58 -21.84
C ILE D 146 20.61 4.30 -20.64
N SER D 147 19.92 4.23 -19.49
CA SER D 147 20.30 5.10 -18.38
C SER D 147 20.26 4.27 -17.11
N GLY D 148 21.33 4.34 -16.33
CA GLY D 148 21.37 3.56 -15.09
C GLY D 148 22.55 3.88 -14.20
N PRO D 149 22.61 3.22 -13.04
CA PRO D 149 23.61 3.55 -12.02
C PRO D 149 24.97 2.99 -12.38
N ILE D 150 26.01 3.67 -11.89
CA ILE D 150 27.42 3.30 -12.10
C ILE D 150 27.75 1.93 -11.50
N SER D 151 26.93 1.47 -10.55
CA SER D 151 27.18 0.16 -9.94
C SER D 151 26.85 -1.01 -10.90
N ARG D 152 26.10 -0.72 -11.97
CA ARG D 152 25.75 -1.70 -12.98
C ARG D 152 26.26 -1.39 -14.39
N ILE D 153 26.27 -0.11 -14.73
CA ILE D 153 26.89 0.35 -15.98
C ILE D 153 28.35 0.61 -15.63
N THR D 154 29.11 -0.47 -15.56
CA THR D 154 30.48 -0.41 -15.04
C THR D 154 31.41 -0.11 -16.22
N ASP D 155 32.64 0.35 -15.98
CA ASP D 155 33.56 0.76 -17.08
C ASP D 155 33.74 -0.37 -18.10
N ASP D 156 33.82 -1.62 -17.61
CA ASP D 156 34.05 -2.80 -18.47
C ASP D 156 32.87 -3.09 -19.39
N ARG D 157 31.72 -2.48 -19.10
CA ARG D 157 30.54 -2.68 -19.95
C ARG D 157 30.15 -1.51 -20.89
N VAL D 158 30.86 -0.39 -20.85
CA VAL D 158 30.41 0.79 -21.55
C VAL D 158 30.34 0.52 -23.05
N THR D 159 31.41 -0.11 -23.60
CA THR D 159 31.46 -0.36 -25.02
C THR D 159 30.32 -1.28 -25.44
N GLU D 160 30.05 -2.29 -24.62
CA GLU D 160 28.99 -3.25 -24.89
C GLU D 160 27.61 -2.56 -24.88
N PHE D 161 27.39 -1.73 -23.86
CA PHE D 161 26.18 -0.88 -23.79
C PHE D 161 26.03 0.05 -25.00
N GLY D 162 27.15 0.62 -25.45
CA GLY D 162 27.15 1.52 -26.60
C GLY D 162 26.68 0.75 -27.82
N ALA D 163 27.18 -0.47 -27.97
CA ALA D 163 26.75 -1.35 -29.09
C ALA D 163 25.22 -1.62 -29.07
N MET D 164 24.69 -1.82 -27.88
CA MET D 164 23.27 -2.13 -27.73
C MET D 164 22.44 -0.92 -28.17
N VAL D 165 22.81 0.28 -27.71
CA VAL D 165 22.05 1.46 -28.10
C VAL D 165 22.18 1.83 -29.59
N ILE D 166 23.36 1.62 -30.15
CA ILE D 166 23.57 1.81 -31.62
C ILE D 166 22.56 0.95 -32.37
N LYS D 167 22.43 -0.30 -31.93
CA LYS D 167 21.66 -1.25 -32.68
C LYS D 167 20.17 -0.86 -32.56
N ALA D 168 19.75 -0.44 -31.37
CA ALA D 168 18.33 0.01 -31.20
C ALA D 168 17.98 1.25 -32.05
N ALA D 169 18.87 2.26 -32.02
CA ALA D 169 18.64 3.50 -32.78
C ALA D 169 18.63 3.18 -34.29
N LYS D 170 19.55 2.33 -34.73
CA LYS D 170 19.57 1.84 -36.13
C LYS D 170 18.22 1.19 -36.51
N GLU D 171 17.71 0.33 -35.64
CA GLU D 171 16.42 -0.35 -35.97
C GLU D 171 15.25 0.64 -36.17
N VAL D 172 15.22 1.71 -35.38
CA VAL D 172 14.27 2.77 -35.56
C VAL D 172 14.49 3.61 -36.84
N THR D 173 15.74 3.94 -37.16
CA THR D 173 16.03 4.66 -38.41
C THR D 173 15.59 3.79 -39.58
N LEU D 174 15.88 2.49 -39.53
CA LEU D 174 15.41 1.58 -40.57
C LEU D 174 13.88 1.49 -40.66
N ALA D 175 13.25 1.33 -39.49
CA ALA D 175 11.79 1.29 -39.41
C ALA D 175 11.18 2.56 -40.03
N TYR D 176 11.67 3.74 -39.65
CA TYR D 176 11.20 5.00 -40.27
C TYR D 176 11.40 4.92 -41.80
N GLY D 177 12.60 4.50 -42.21
CA GLY D 177 12.90 4.38 -43.65
C GLY D 177 11.90 3.54 -44.40
N GLY D 178 11.49 2.45 -43.77
CA GLY D 178 10.57 1.49 -44.34
C GLY D 178 9.19 2.10 -44.52
N MET D 179 8.71 2.84 -43.52
CA MET D 179 7.32 3.29 -43.54
C MET D 179 7.23 4.56 -44.31
N ARG D 180 8.36 5.25 -44.32
CA ARG D 180 8.82 6.06 -45.43
C ARG D 180 8.68 7.54 -45.31
#